data_6QNG
#
_entry.id   6QNG
#
_cell.length_a   46.930
_cell.length_b   66.050
_cell.length_c   80.950
_cell.angle_alpha   82.09
_cell.angle_beta   84.41
_cell.angle_gamma   86.17
#
_symmetry.space_group_name_H-M   'P 1'
#
loop_
_entity.id
_entity.type
_entity.pdbx_description
1 polymer 'Carbonic anhydrase 12'
2 non-polymer 'ZINC ION'
3 non-polymer ~{N}-butyl-4-chloranyl-2-(cyclohexylamino)-5-sulfamoyl-benzamide
4 water water
#
_entity_poly.entity_id   1
_entity_poly.type   'polypeptide(L)'
_entity_poly.pdbx_seq_one_letter_code
;ASKWTYFGPDGENSWSKKYPSCGGLLQSPIDLHSDILQYDASLTPLEFQGYNLSANKQFLLTNNGHSVKLNLPSDMHIQG
LQSRYSATQLHLHWGNPNDPHGSEHTVSGQHFAAELHIVHYNSDLYPDASTASNKSEGLAVLAVLIEMGSFNPSYDKIFS
HLQHVKYKGQEAFVPGFNIEELLPERTAEYYRYRGSLTTPPCNPTVLWTVFRNPVQISQEQLLALETALYCTHMDDPSPR
EMINNFRQVQKFDERLVYTSFSQ
;
_entity_poly.pdbx_strand_id   A,B,C,D
#
# COMPACT_ATOMS: atom_id res chain seq x y z
N LYS A 3 1.13 3.10 2.48
CA LYS A 3 1.42 4.16 1.45
C LYS A 3 0.11 4.62 0.78
N TRP A 4 -0.10 5.93 0.64
CA TRP A 4 -1.22 6.45 -0.16
C TRP A 4 -0.75 7.72 -0.85
N THR A 5 -1.29 8.00 -2.03
CA THR A 5 -0.99 9.24 -2.80
C THR A 5 -2.28 9.84 -3.35
N TYR A 6 -2.14 10.91 -4.10
CA TYR A 6 -3.25 11.54 -4.88
C TYR A 6 -3.11 11.22 -6.37
N PHE A 7 -2.19 10.35 -6.81
CA PHE A 7 -1.99 10.12 -8.25
C PHE A 7 -1.58 8.66 -8.51
N GLY A 8 -1.90 8.14 -9.70
CA GLY A 8 -1.47 6.80 -10.15
C GLY A 8 -2.09 5.69 -9.30
N PRO A 9 -1.44 4.52 -9.16
CA PRO A 9 -2.11 3.33 -8.64
C PRO A 9 -2.35 3.23 -7.12
N ASP A 10 -1.83 4.17 -6.31
CA ASP A 10 -2.09 4.25 -4.85
C ASP A 10 -2.94 5.48 -4.52
N GLY A 11 -3.52 6.07 -5.59
CA GLY A 11 -4.43 7.25 -5.61
C GLY A 11 -5.79 6.96 -4.96
N GLU A 12 -6.66 7.96 -4.90
CA GLU A 12 -7.86 7.98 -4.03
C GLU A 12 -8.84 6.83 -4.32
N ASN A 13 -8.87 6.29 -5.55
CA ASN A 13 -9.80 5.17 -5.87
C ASN A 13 -9.32 3.90 -5.15
N SER A 14 -8.08 3.89 -4.66
CA SER A 14 -7.43 2.67 -4.08
C SER A 14 -7.26 2.82 -2.56
N TRP A 15 -7.57 3.97 -1.97
CA TRP A 15 -7.43 4.19 -0.51
C TRP A 15 -8.19 3.11 0.28
N SER A 16 -9.37 2.74 -0.17
CA SER A 16 -10.24 1.80 0.58
C SER A 16 -9.55 0.42 0.74
N LYS A 17 -8.55 0.08 -0.08
CA LYS A 17 -7.87 -1.26 -0.03
C LYS A 17 -7.22 -1.45 1.35
N LYS A 18 -6.58 -0.41 1.85
CA LYS A 18 -5.85 -0.41 3.16
C LYS A 18 -6.60 0.43 4.20
N TYR A 19 -7.52 1.32 3.81
CA TYR A 19 -8.24 2.26 4.71
C TYR A 19 -9.75 2.18 4.47
N PRO A 20 -10.43 1.12 5.00
CA PRO A 20 -11.79 0.82 4.60
C PRO A 20 -12.79 1.97 4.80
N SER A 21 -12.60 2.83 5.82
CA SER A 21 -13.45 4.03 6.06
C SER A 21 -13.49 4.96 4.84
N CYS A 22 -12.46 4.98 3.99
CA CYS A 22 -12.44 5.73 2.70
C CYS A 22 -13.54 5.20 1.74
N GLY A 23 -14.06 3.98 1.97
CA GLY A 23 -15.20 3.40 1.25
C GLY A 23 -16.52 3.47 2.02
N GLY A 24 -16.56 4.21 3.13
CA GLY A 24 -17.62 4.05 4.14
C GLY A 24 -18.59 5.22 4.09
N LEU A 25 -19.28 5.43 5.21
CA LEU A 25 -20.31 6.49 5.40
C LEU A 25 -19.64 7.84 5.60
N LEU A 26 -20.45 8.91 5.40
CA LEU A 26 -20.21 10.30 5.82
C LEU A 26 -18.90 10.83 5.24
N GLN A 27 -18.59 10.54 3.97
CA GLN A 27 -17.29 10.94 3.35
C GLN A 27 -17.36 12.40 2.88
N SER A 28 -16.19 13.05 2.96
CA SER A 28 -15.91 14.46 2.61
C SER A 28 -14.81 14.44 1.57
N PRO A 29 -14.63 15.50 0.75
CA PRO A 29 -15.44 16.71 0.74
C PRO A 29 -16.70 16.52 -0.11
N ILE A 30 -17.46 17.58 -0.31
CA ILE A 30 -18.77 17.51 -1.02
C ILE A 30 -18.92 18.77 -1.86
N ASP A 31 -19.80 18.68 -2.87
CA ASP A 31 -20.26 19.85 -3.63
C ASP A 31 -21.40 20.52 -2.86
N LEU A 32 -21.23 21.80 -2.52
CA LEU A 32 -22.24 22.59 -1.78
C LEU A 32 -23.12 23.21 -2.86
N HIS A 33 -24.30 22.60 -3.09
CA HIS A 33 -25.27 23.09 -4.12
C HIS A 33 -26.69 23.18 -3.55
N SER A 34 -27.50 24.08 -4.11
CA SER A 34 -28.88 24.41 -3.65
C SER A 34 -29.63 23.15 -3.26
N ASP A 35 -29.64 22.12 -4.11
CA ASP A 35 -30.56 20.97 -3.92
C ASP A 35 -30.40 20.36 -2.53
N ILE A 36 -29.25 20.51 -1.86
CA ILE A 36 -28.98 19.79 -0.58
C ILE A 36 -28.70 20.78 0.57
N LEU A 37 -28.96 22.08 0.39
CA LEU A 37 -28.82 23.13 1.44
C LEU A 37 -30.17 23.38 2.13
N GLN A 38 -30.13 23.53 3.46
CA GLN A 38 -31.29 23.92 4.28
C GLN A 38 -30.83 25.01 5.23
N TYR A 39 -31.50 26.16 5.22
CA TYR A 39 -31.26 27.21 6.23
C TYR A 39 -31.70 26.68 7.60
N ASP A 40 -30.88 26.93 8.61
CA ASP A 40 -31.12 26.47 10.00
C ASP A 40 -30.78 27.64 10.93
N ALA A 41 -31.82 28.30 11.45
CA ALA A 41 -31.68 29.54 12.26
C ALA A 41 -31.01 29.25 13.61
N SER A 42 -30.92 28.00 14.04
CA SER A 42 -30.29 27.64 15.33
C SER A 42 -28.75 27.70 15.25
N LEU A 43 -28.15 27.86 14.05
CA LEU A 43 -26.67 27.89 13.81
C LEU A 43 -26.14 29.28 14.14
N THR A 44 -25.49 29.43 15.30
CA THR A 44 -24.98 30.74 15.79
C THR A 44 -23.48 30.84 15.54
N PRO A 45 -22.91 32.06 15.59
CA PRO A 45 -21.50 32.26 15.29
C PRO A 45 -20.54 31.47 16.21
N LEU A 46 -19.51 30.88 15.60
CA LEU A 46 -18.37 30.31 16.35
C LEU A 46 -17.59 31.47 16.96
N GLU A 47 -16.97 31.20 18.09
CA GLU A 47 -16.04 32.15 18.75
C GLU A 47 -14.67 31.46 18.75
N PHE A 48 -13.65 32.19 18.28
CA PHE A 48 -12.26 31.70 18.08
C PHE A 48 -11.40 32.16 19.25
N GLN A 49 -11.09 31.22 20.13
CA GLN A 49 -10.43 31.51 21.44
C GLN A 49 -8.97 31.08 21.36
N GLY A 50 -8.09 31.95 21.86
CA GLY A 50 -6.64 31.77 21.82
C GLY A 50 -6.14 31.50 20.41
N TYR A 51 -6.71 32.17 19.39
CA TYR A 51 -6.21 32.11 17.98
C TYR A 51 -5.01 33.06 17.83
N ASN A 52 -4.86 34.06 18.72
CA ASN A 52 -3.70 35.00 18.67
C ASN A 52 -2.50 34.30 19.32
N LEU A 53 -1.72 33.55 18.52
CA LEU A 53 -0.61 32.71 19.05
C LEU A 53 0.52 33.64 19.57
N SER A 54 1.16 33.25 20.67
CA SER A 54 2.29 34.02 21.25
C SER A 54 3.41 34.19 20.20
N ALA A 55 3.73 35.43 19.81
CA ALA A 55 4.92 35.75 18.96
C ALA A 55 6.22 35.21 19.60
N ASN A 56 6.28 35.05 20.92
CA ASN A 56 7.51 34.57 21.62
C ASN A 56 7.66 33.06 21.47
N LYS A 57 6.61 32.38 21.02
CA LYS A 57 6.62 30.91 20.86
C LYS A 57 6.80 30.61 19.38
N GLN A 58 7.37 29.44 19.09
CA GLN A 58 7.63 28.95 17.71
C GLN A 58 6.78 27.69 17.48
N PHE A 59 6.21 27.57 16.29
CA PHE A 59 5.29 26.46 15.96
C PHE A 59 5.83 25.67 14.78
N LEU A 60 5.83 24.34 14.91
CA LEU A 60 6.52 23.42 13.98
C LEU A 60 5.75 23.31 12.66
N LEU A 61 6.37 23.75 11.57
CA LEU A 61 5.94 23.52 10.16
C LEU A 61 6.64 22.24 9.68
N THR A 62 5.88 21.29 9.10
CA THR A 62 6.36 19.97 8.59
C THR A 62 5.77 19.73 7.20
N ASN A 63 6.58 19.11 6.34
CA ASN A 63 6.14 18.51 5.07
C ASN A 63 6.02 17.04 5.43
N ASN A 64 4.80 16.51 5.50
CA ASN A 64 4.54 15.09 5.85
C ASN A 64 4.39 14.25 4.58
N GLY A 65 4.80 14.77 3.42
CA GLY A 65 4.72 14.07 2.11
C GLY A 65 3.34 14.16 1.47
N HIS A 66 2.37 14.78 2.15
CA HIS A 66 0.97 14.86 1.64
C HIS A 66 0.48 16.30 1.60
N SER A 67 0.98 17.11 2.52
CA SER A 67 0.68 18.56 2.66
C SER A 67 1.81 19.21 3.48
N VAL A 68 1.71 20.52 3.68
CA VAL A 68 2.51 21.30 4.67
C VAL A 68 1.57 21.51 5.86
N LYS A 69 2.01 21.09 7.05
CA LYS A 69 1.22 21.10 8.30
C LYS A 69 1.86 22.08 9.28
N LEU A 70 1.06 22.92 9.95
CA LEU A 70 1.49 23.76 11.09
C LEU A 70 0.89 23.17 12.39
N ASN A 71 1.74 22.81 13.36
CA ASN A 71 1.29 22.32 14.69
C ASN A 71 0.67 23.48 15.46
N LEU A 72 -0.47 23.26 16.14
CA LEU A 72 -1.17 24.32 16.91
C LEU A 72 -1.32 23.84 18.35
N PRO A 73 -1.41 24.78 19.32
CA PRO A 73 -1.52 24.45 20.73
C PRO A 73 -2.96 24.17 21.21
N SER A 74 -3.16 23.25 22.17
CA SER A 74 -4.49 22.84 22.66
C SER A 74 -5.22 24.01 23.34
N ASP A 75 -4.55 25.09 23.76
CA ASP A 75 -5.24 26.27 24.36
C ASP A 75 -5.80 27.17 23.25
N MET A 76 -5.70 26.71 22.03
CA MET A 76 -6.34 27.39 20.91
C MET A 76 -7.66 26.58 20.77
N HIS A 77 -8.83 27.25 20.79
CA HIS A 77 -10.09 26.51 20.71
C HIS A 77 -11.32 27.22 20.10
N ILE A 78 -12.31 26.43 19.75
CA ILE A 78 -13.58 26.92 19.26
C ILE A 78 -14.68 26.78 20.35
N GLN A 79 -15.40 27.86 20.59
CA GLN A 79 -16.60 27.90 21.44
C GLN A 79 -17.84 28.01 20.54
N GLY A 80 -18.91 27.34 20.96
CA GLY A 80 -20.19 27.40 20.33
C GLY A 80 -20.68 26.15 19.67
N LEU A 81 -19.90 25.07 19.75
CA LEU A 81 -20.38 23.72 19.50
C LEU A 81 -20.82 23.08 20.81
N GLN A 82 -21.24 21.84 20.78
CA GLN A 82 -21.72 21.16 21.98
C GLN A 82 -20.67 20.81 23.02
N SER A 83 -19.45 20.62 22.55
CA SER A 83 -18.25 20.35 23.38
C SER A 83 -17.16 21.36 23.02
N ARG A 84 -16.13 21.55 23.88
CA ARG A 84 -14.97 22.39 23.52
C ARG A 84 -14.13 21.59 22.51
N TYR A 85 -13.78 22.21 21.40
CA TYR A 85 -12.88 21.61 20.39
C TYR A 85 -11.56 22.39 20.40
N SER A 86 -10.48 21.72 20.78
CA SER A 86 -9.11 22.29 20.94
C SER A 86 -8.32 22.08 19.65
N ALA A 87 -7.63 23.11 19.18
CA ALA A 87 -6.80 23.06 17.95
C ALA A 87 -5.68 22.03 18.11
N THR A 88 -5.40 21.28 17.04
CA THR A 88 -4.27 20.32 16.90
C THR A 88 -3.34 20.67 15.72
N GLN A 89 -3.86 21.05 14.54
CA GLN A 89 -2.99 21.44 13.40
C GLN A 89 -3.79 22.15 12.31
N LEU A 90 -3.11 22.87 11.43
CA LEU A 90 -3.70 23.36 10.16
C LEU A 90 -2.82 22.94 8.98
N HIS A 91 -3.44 22.87 7.81
CA HIS A 91 -2.77 22.41 6.57
C HIS A 91 -3.60 22.87 5.35
N LEU A 92 -3.08 22.61 4.15
CA LEU A 92 -3.62 23.20 2.91
C LEU A 92 -3.77 22.14 1.82
N HIS A 93 -4.66 22.41 0.87
CA HIS A 93 -4.86 21.57 -0.33
C HIS A 93 -4.80 22.47 -1.56
N TRP A 94 -4.21 21.99 -2.64
CA TRP A 94 -4.01 22.88 -3.83
C TRP A 94 -3.92 22.08 -5.12
N GLY A 95 -3.92 22.78 -6.23
CA GLY A 95 -3.89 22.23 -7.60
C GLY A 95 -2.51 22.36 -8.18
N ASN A 96 -2.40 22.98 -9.34
CA ASN A 96 -1.11 22.99 -10.07
C ASN A 96 -1.16 24.21 -10.98
N PRO A 97 -0.02 24.72 -11.48
CA PRO A 97 0.00 25.98 -12.24
C PRO A 97 -0.73 25.83 -13.58
N ASN A 98 -0.89 24.61 -14.10
CA ASN A 98 -1.61 24.41 -15.37
C ASN A 98 -3.11 24.34 -15.12
N ASP A 99 -3.54 24.10 -13.89
CA ASP A 99 -4.97 23.96 -13.50
C ASP A 99 -5.11 24.41 -12.05
N PRO A 100 -5.15 25.74 -11.79
CA PRO A 100 -5.06 26.30 -10.43
C PRO A 100 -6.36 26.31 -9.63
N HIS A 101 -6.96 25.13 -9.49
CA HIS A 101 -8.31 24.88 -8.92
C HIS A 101 -8.23 23.66 -7.98
N GLY A 102 -7.74 23.83 -6.74
CA GLY A 102 -7.34 22.71 -5.86
C GLY A 102 -8.05 22.66 -4.53
N SER A 103 -9.14 23.42 -4.34
CA SER A 103 -10.02 23.25 -3.14
C SER A 103 -10.60 21.82 -3.11
N GLU A 104 -10.98 21.39 -1.93
CA GLU A 104 -11.59 20.07 -1.68
C GLU A 104 -13.11 20.21 -1.84
N HIS A 105 -13.69 21.13 -1.08
CA HIS A 105 -15.11 21.55 -1.24
C HIS A 105 -15.26 22.40 -2.50
N THR A 106 -16.41 22.27 -3.14
CA THR A 106 -16.81 23.08 -4.33
C THR A 106 -18.15 23.74 -3.97
N VAL A 107 -18.45 24.89 -4.53
CA VAL A 107 -19.73 25.61 -4.32
C VAL A 107 -20.41 25.68 -5.69
N SER A 108 -21.57 25.03 -5.86
CA SER A 108 -22.29 25.00 -7.16
C SER A 108 -21.34 24.50 -8.25
N GLY A 109 -20.53 23.48 -7.93
CA GLY A 109 -19.56 22.84 -8.85
C GLY A 109 -18.26 23.63 -9.05
N GLN A 110 -18.15 24.86 -8.55
CA GLN A 110 -16.92 25.70 -8.74
C GLN A 110 -15.86 25.29 -7.71
N HIS A 111 -14.72 24.81 -8.20
CA HIS A 111 -13.47 24.63 -7.42
C HIS A 111 -12.88 26.01 -7.10
N PHE A 112 -12.42 26.24 -5.88
CA PHE A 112 -11.55 27.42 -5.59
C PHE A 112 -10.08 27.05 -5.85
N ALA A 113 -9.19 28.06 -5.83
CA ALA A 113 -7.73 27.92 -6.04
C ALA A 113 -7.17 26.93 -5.01
N ALA A 114 -7.50 27.13 -3.74
CA ALA A 114 -6.97 26.28 -2.65
C ALA A 114 -7.92 26.28 -1.46
N GLU A 115 -7.58 25.50 -0.45
CA GLU A 115 -8.41 25.36 0.76
C GLU A 115 -7.50 25.16 1.97
N LEU A 116 -7.78 25.92 3.04
CA LEU A 116 -7.12 25.75 4.37
C LEU A 116 -8.06 25.03 5.31
N HIS A 117 -7.54 24.08 6.07
CA HIS A 117 -8.26 23.34 7.14
C HIS A 117 -7.57 23.60 8.46
N ILE A 118 -8.32 24.09 9.45
CA ILE A 118 -7.88 24.18 10.87
C ILE A 118 -8.58 23.08 11.64
N VAL A 119 -7.84 22.05 12.06
CA VAL A 119 -8.33 20.77 12.63
C VAL A 119 -8.34 20.95 14.15
N HIS A 120 -9.48 20.65 14.77
CA HIS A 120 -9.68 20.69 16.24
C HIS A 120 -10.16 19.33 16.70
N TYR A 121 -10.03 19.04 17.99
CA TYR A 121 -10.43 17.75 18.59
C TYR A 121 -11.23 18.06 19.85
N ASN A 122 -12.07 17.11 20.23
CA ASN A 122 -13.04 17.27 21.34
C ASN A 122 -12.27 17.04 22.64
N SER A 123 -11.76 18.09 23.28
CA SER A 123 -10.87 17.95 24.46
C SER A 123 -11.68 17.69 25.75
N ASP A 124 -13.01 17.88 25.72
CA ASP A 124 -13.92 17.65 26.89
C ASP A 124 -14.10 16.15 27.07
N LEU A 125 -14.05 15.38 25.97
CA LEU A 125 -14.30 13.92 25.98
C LEU A 125 -13.03 13.12 25.77
N TYR A 126 -11.97 13.66 25.14
CA TYR A 126 -10.81 12.85 24.69
C TYR A 126 -9.51 13.46 25.19
N PRO A 127 -8.53 12.61 25.59
CA PRO A 127 -7.27 13.10 26.13
C PRO A 127 -6.42 13.79 25.05
N ASP A 128 -6.54 13.38 23.77
CA ASP A 128 -5.70 13.93 22.68
C ASP A 128 -6.40 13.77 21.32
N ALA A 129 -5.87 14.43 20.29
CA ALA A 129 -6.44 14.47 18.92
C ALA A 129 -6.42 13.08 18.29
N SER A 130 -5.31 12.37 18.44
CA SER A 130 -5.14 11.00 17.89
C SER A 130 -6.29 10.14 18.40
N THR A 131 -6.65 10.24 19.69
CA THR A 131 -7.69 9.37 20.31
C THR A 131 -9.07 9.78 19.80
N ALA A 132 -9.34 11.09 19.81
CA ALA A 132 -10.61 11.72 19.36
C ALA A 132 -10.88 11.35 17.89
N SER A 133 -9.81 11.16 17.11
CA SER A 133 -9.90 11.09 15.63
C SER A 133 -10.66 9.82 15.22
N ASN A 134 -10.80 8.80 16.06
CA ASN A 134 -11.70 7.70 15.65
C ASN A 134 -12.88 7.56 16.62
N LYS A 135 -13.43 8.67 17.13
CA LYS A 135 -14.76 8.71 17.82
C LYS A 135 -15.68 9.78 17.18
N SER A 136 -16.99 9.52 17.11
CA SER A 136 -17.99 10.43 16.46
C SER A 136 -17.99 11.77 17.20
N GLU A 137 -18.08 12.89 16.48
CA GLU A 137 -17.96 14.28 17.05
C GLU A 137 -16.58 14.43 17.72
N GLY A 138 -15.61 13.56 17.38
CA GLY A 138 -14.23 13.63 17.88
C GLY A 138 -13.49 14.82 17.29
N LEU A 139 -13.68 15.11 16.00
CA LEU A 139 -13.00 16.25 15.35
C LEU A 139 -14.00 17.29 14.84
N ALA A 140 -13.57 18.54 14.78
CA ALA A 140 -14.25 19.66 14.11
C ALA A 140 -13.20 20.36 13.26
N VAL A 141 -13.52 20.62 12.00
CA VAL A 141 -12.58 21.28 11.09
C VAL A 141 -13.18 22.60 10.60
N LEU A 142 -12.36 23.67 10.58
CA LEU A 142 -12.74 24.94 9.93
C LEU A 142 -12.13 24.95 8.54
N ALA A 143 -12.95 25.15 7.49
CA ALA A 143 -12.47 25.18 6.10
C ALA A 143 -12.57 26.60 5.54
N VAL A 144 -11.47 27.06 4.95
CA VAL A 144 -11.40 28.41 4.34
C VAL A 144 -11.11 28.18 2.87
N LEU A 145 -11.99 28.67 2.00
CA LEU A 145 -11.78 28.64 0.53
C LEU A 145 -10.90 29.80 0.10
N ILE A 146 -10.01 29.51 -0.84
CA ILE A 146 -8.90 30.41 -1.23
C ILE A 146 -8.96 30.65 -2.72
N GLU A 147 -8.95 31.92 -3.13
CA GLU A 147 -9.01 32.32 -4.55
C GLU A 147 -7.85 33.28 -4.84
N MET A 148 -7.48 33.38 -6.11
CA MET A 148 -6.43 34.32 -6.55
CA MET A 148 -6.45 34.33 -6.60
C MET A 148 -6.97 35.75 -6.42
N GLY A 149 -6.15 36.66 -5.90
CA GLY A 149 -6.48 38.09 -5.81
C GLY A 149 -5.31 38.89 -5.28
N SER A 150 -5.56 39.73 -4.26
CA SER A 150 -4.53 40.60 -3.69
C SER A 150 -3.59 39.78 -2.78
N PHE A 151 -2.33 40.21 -2.70
CA PHE A 151 -1.32 39.63 -1.79
C PHE A 151 -1.89 39.58 -0.38
N ASN A 152 -1.68 38.47 0.32
CA ASN A 152 -2.20 38.23 1.69
C ASN A 152 -1.04 38.12 2.68
N PRO A 153 -0.75 39.20 3.45
CA PRO A 153 0.39 39.18 4.39
C PRO A 153 0.29 38.11 5.48
N SER A 154 -0.93 37.77 5.90
CA SER A 154 -1.23 36.72 6.91
C SER A 154 -0.87 35.34 6.39
N TYR A 155 -1.30 34.98 5.18
CA TYR A 155 -0.92 33.68 4.57
C TYR A 155 0.61 33.62 4.37
N ASP A 156 1.25 34.76 4.11
CA ASP A 156 2.72 34.82 3.85
C ASP A 156 3.49 34.50 5.13
N LYS A 157 2.84 34.55 6.30
CA LYS A 157 3.45 34.18 7.60
C LYS A 157 3.75 32.68 7.57
N ILE A 158 2.97 31.93 6.78
CA ILE A 158 3.22 30.49 6.48
C ILE A 158 4.08 30.38 5.21
N PHE A 159 3.70 31.05 4.12
CA PHE A 159 4.28 30.80 2.76
C PHE A 159 5.77 31.20 2.72
N SER A 160 6.18 32.24 3.46
CA SER A 160 7.61 32.65 3.59
C SER A 160 8.51 31.52 4.12
N HIS A 161 7.97 30.44 4.69
CA HIS A 161 8.76 29.30 5.24
C HIS A 161 8.80 28.09 4.29
N LEU A 162 8.12 28.08 3.14
CA LEU A 162 7.99 26.83 2.33
C LEU A 162 9.35 26.31 1.87
N GLN A 163 10.30 27.19 1.56
CA GLN A 163 11.60 26.75 1.02
C GLN A 163 12.40 25.98 2.07
N HIS A 164 12.00 25.98 3.35
CA HIS A 164 12.68 25.17 4.39
C HIS A 164 11.99 23.82 4.60
N VAL A 165 10.87 23.53 3.92
CA VAL A 165 10.15 22.24 4.12
C VAL A 165 9.85 21.67 2.73
N LYS A 166 10.82 21.77 1.81
CA LYS A 166 10.58 21.37 0.41
C LYS A 166 10.35 19.86 0.32
N TYR A 167 10.99 19.04 1.15
CA TYR A 167 11.02 17.57 0.97
C TYR A 167 10.36 16.97 2.20
N LYS A 168 9.82 15.78 2.01
CA LYS A 168 9.11 14.98 3.03
C LYS A 168 10.02 14.80 4.23
N GLY A 169 9.51 15.04 5.44
CA GLY A 169 10.24 14.82 6.70
C GLY A 169 10.88 16.11 7.19
N GLN A 170 11.12 17.07 6.28
CA GLN A 170 11.75 18.38 6.62
C GLN A 170 10.80 19.21 7.51
N GLU A 171 11.39 20.01 8.40
CA GLU A 171 10.67 20.83 9.41
C GLU A 171 11.27 22.23 9.47
N ALA A 172 10.48 23.20 9.92
CA ALA A 172 10.90 24.58 10.21
C ALA A 172 10.04 25.10 11.35
N PHE A 173 10.47 26.16 12.00
CA PHE A 173 9.72 26.77 13.12
C PHE A 173 9.16 28.09 12.60
N VAL A 174 7.88 28.35 12.90
CA VAL A 174 7.12 29.58 12.54
C VAL A 174 6.79 30.29 13.85
N PRO A 175 7.17 31.57 14.04
CA PRO A 175 6.76 32.31 15.23
C PRO A 175 5.23 32.52 15.28
N GLY A 176 4.66 32.29 16.47
CA GLY A 176 3.24 32.57 16.73
C GLY A 176 2.74 33.83 16.02
N PHE A 177 1.56 33.75 15.40
CA PHE A 177 0.81 34.89 14.83
C PHE A 177 -0.70 34.63 14.99
N ASN A 178 -1.53 35.62 14.67
CA ASN A 178 -3.00 35.54 14.83
C ASN A 178 -3.58 34.68 13.70
N ILE A 179 -3.89 33.42 14.02
CA ILE A 179 -4.54 32.43 13.09
C ILE A 179 -5.88 33.03 12.60
N GLU A 180 -6.50 33.86 13.41
CA GLU A 180 -7.80 34.43 13.03
C GLU A 180 -7.66 35.26 11.77
N GLU A 181 -6.44 35.71 11.45
CA GLU A 181 -6.17 36.54 10.25
C GLU A 181 -6.28 35.66 8.99
N LEU A 182 -6.28 34.34 9.15
CA LEU A 182 -6.44 33.42 7.99
C LEU A 182 -7.92 33.22 7.64
N LEU A 183 -8.82 33.74 8.47
CA LEU A 183 -10.28 33.53 8.34
C LEU A 183 -10.85 34.61 7.44
N PRO A 184 -11.95 34.29 6.71
CA PRO A 184 -12.61 35.24 5.82
C PRO A 184 -13.49 36.20 6.62
N GLU A 185 -14.05 37.17 5.91
CA GLU A 185 -15.11 38.08 6.41
C GLU A 185 -16.43 37.32 6.68
N ARG A 186 -17.20 37.89 7.60
CA ARG A 186 -18.49 37.33 8.11
C ARG A 186 -18.38 35.82 8.29
N THR A 187 -17.57 35.39 9.24
CA THR A 187 -17.49 33.97 9.69
C THR A 187 -18.83 33.41 10.19
N ALA A 188 -19.80 34.27 10.55
CA ALA A 188 -21.11 33.81 11.07
C ALA A 188 -21.88 33.13 9.94
N GLU A 189 -21.55 33.43 8.67
CA GLU A 189 -22.10 32.79 7.45
C GLU A 189 -21.26 31.56 7.05
N TYR A 190 -21.80 30.37 7.24
CA TYR A 190 -21.07 29.10 6.97
C TYR A 190 -22.04 28.00 6.52
N TYR A 191 -21.43 26.95 5.96
CA TYR A 191 -22.08 25.66 5.66
C TYR A 191 -21.67 24.71 6.79
N ARG A 192 -22.56 23.85 7.26
CA ARG A 192 -22.29 22.92 8.39
C ARG A 192 -22.85 21.55 8.01
N TYR A 193 -22.06 20.49 8.16
CA TYR A 193 -22.49 19.09 7.91
C TYR A 193 -21.53 18.11 8.59
N ARG A 194 -22.04 16.91 8.76
CA ARG A 194 -21.32 15.79 9.38
C ARG A 194 -20.60 15.05 8.27
N GLY A 195 -19.29 14.87 8.42
CA GLY A 195 -18.46 14.17 7.41
C GLY A 195 -17.23 13.51 8.01
N SER A 196 -16.15 13.50 7.25
CA SER A 196 -14.98 12.63 7.49
C SER A 196 -13.67 13.42 7.38
N LEU A 197 -12.55 12.78 7.76
CA LEU A 197 -11.24 13.16 7.20
C LEU A 197 -11.31 13.08 5.66
N THR A 198 -10.78 14.05 4.94
CA THR A 198 -10.64 13.94 3.45
C THR A 198 -9.39 13.16 3.00
N THR A 199 -8.60 12.68 3.95
CA THR A 199 -7.41 11.83 3.70
C THR A 199 -7.53 10.55 4.48
N PRO A 200 -6.81 9.51 4.06
CA PRO A 200 -6.75 8.28 4.84
C PRO A 200 -6.37 8.67 6.26
N PRO A 201 -6.91 8.03 7.33
CA PRO A 201 -7.82 6.89 7.18
C PRO A 201 -9.30 7.19 6.91
N CYS A 202 -9.67 8.44 6.63
CA CYS A 202 -11.04 8.83 6.19
C CYS A 202 -12.08 8.59 7.29
N ASN A 203 -11.74 8.70 8.58
CA ASN A 203 -12.68 8.32 9.66
C ASN A 203 -13.86 9.27 9.61
N PRO A 204 -15.12 8.76 9.74
CA PRO A 204 -16.33 9.61 9.67
C PRO A 204 -16.64 10.37 10.98
N THR A 205 -15.75 11.27 11.38
CA THR A 205 -15.68 11.75 12.78
C THR A 205 -15.57 13.27 12.84
N VAL A 206 -15.75 13.95 11.70
CA VAL A 206 -15.54 15.41 11.59
C VAL A 206 -16.88 16.15 11.56
N LEU A 207 -17.01 17.18 12.36
CA LEU A 207 -18.05 18.21 12.16
C LEU A 207 -17.43 19.31 11.32
N TRP A 208 -17.87 19.44 10.06
CA TRP A 208 -17.36 20.43 9.08
C TRP A 208 -18.06 21.78 9.22
N THR A 209 -17.27 22.84 9.30
CA THR A 209 -17.68 24.22 9.03
C THR A 209 -16.88 24.70 7.83
N VAL A 210 -17.56 25.01 6.73
CA VAL A 210 -16.95 25.66 5.55
C VAL A 210 -17.46 27.09 5.54
N PHE A 211 -16.60 28.11 5.66
CA PHE A 211 -17.04 29.52 5.62
C PHE A 211 -17.53 29.83 4.21
N ARG A 212 -18.62 30.59 4.13
CA ARG A 212 -19.26 30.98 2.85
C ARG A 212 -18.29 31.80 2.00
N ASN A 213 -17.58 32.76 2.60
CA ASN A 213 -16.78 33.77 1.86
C ASN A 213 -15.33 33.28 1.76
N PRO A 214 -14.73 33.31 0.56
CA PRO A 214 -13.31 32.96 0.39
C PRO A 214 -12.35 34.05 0.87
N VAL A 215 -11.07 33.70 1.05
CA VAL A 215 -9.98 34.70 1.21
C VAL A 215 -9.24 34.82 -0.13
N GLN A 216 -8.46 35.87 -0.31
CA GLN A 216 -7.57 35.96 -1.49
C GLN A 216 -6.10 35.81 -1.08
N ILE A 217 -5.31 35.12 -1.90
CA ILE A 217 -3.81 35.21 -1.95
C ILE A 217 -3.43 35.67 -3.38
N SER A 218 -2.21 36.16 -3.57
CA SER A 218 -1.78 36.75 -4.86
C SER A 218 -1.47 35.64 -5.85
N GLN A 219 -1.36 36.02 -7.13
CA GLN A 219 -0.80 35.14 -8.20
C GLN A 219 0.48 34.47 -7.70
N GLU A 220 1.44 35.25 -7.19
CA GLU A 220 2.79 34.71 -6.88
C GLU A 220 2.71 33.80 -5.64
N GLN A 221 1.93 34.16 -4.62
CA GLN A 221 1.71 33.29 -3.41
C GLN A 221 1.17 31.89 -3.79
N LEU A 222 0.09 31.81 -4.56
CA LEU A 222 -0.51 30.51 -5.01
C LEU A 222 0.54 29.73 -5.79
N LEU A 223 1.25 30.39 -6.70
CA LEU A 223 2.28 29.72 -7.52
C LEU A 223 3.41 29.18 -6.63
N ALA A 224 3.81 29.90 -5.59
CA ALA A 224 4.84 29.45 -4.63
C ALA A 224 4.32 28.18 -3.96
N LEU A 225 3.07 28.22 -3.48
CA LEU A 225 2.45 27.06 -2.78
C LEU A 225 2.49 25.85 -3.70
N GLU A 226 2.16 26.05 -4.98
CA GLU A 226 1.94 24.98 -5.99
C GLU A 226 3.29 24.38 -6.47
N THR A 227 4.44 25.07 -6.29
CA THR A 227 5.75 24.73 -6.92
C THR A 227 6.85 24.44 -5.89
N ALA A 228 6.63 24.75 -4.61
CA ALA A 228 7.66 24.77 -3.55
C ALA A 228 8.03 23.35 -3.09
N LEU A 229 7.06 22.43 -3.02
CA LEU A 229 7.17 21.21 -2.19
C LEU A 229 7.13 19.98 -3.07
N TYR A 230 7.70 18.91 -2.53
CA TYR A 230 7.78 17.53 -3.09
C TYR A 230 7.18 16.59 -2.05
N CYS A 231 6.53 15.52 -2.53
CA CYS A 231 5.96 14.48 -1.62
CA CYS A 231 5.93 14.40 -1.74
C CYS A 231 7.04 13.46 -1.24
N THR A 232 8.19 13.49 -1.91
CA THR A 232 9.33 12.56 -1.69
C THR A 232 10.37 13.16 -0.71
N HIS A 233 11.17 12.27 -0.09
CA HIS A 233 12.32 12.59 0.80
C HIS A 233 13.47 13.16 -0.06
N MET A 234 14.30 14.02 0.52
CA MET A 234 15.46 14.62 -0.20
C MET A 234 16.37 13.53 -0.81
N ASP A 235 16.51 12.38 -0.16
CA ASP A 235 17.40 11.27 -0.62
C ASP A 235 16.70 10.38 -1.66
N ASP A 236 15.47 10.70 -2.08
CA ASP A 236 14.75 9.91 -3.12
C ASP A 236 15.23 10.35 -4.50
N PRO A 237 15.74 9.41 -5.32
CA PRO A 237 16.24 9.73 -6.65
C PRO A 237 15.10 10.02 -7.64
N SER A 238 13.87 9.62 -7.31
CA SER A 238 12.65 9.88 -8.13
C SER A 238 11.76 10.90 -7.45
N PRO A 239 12.11 12.21 -7.48
CA PRO A 239 11.31 13.20 -6.77
C PRO A 239 9.94 13.35 -7.46
N ARG A 240 8.92 13.68 -6.67
CA ARG A 240 7.52 13.93 -7.11
C ARG A 240 7.08 15.30 -6.54
N GLU A 241 6.71 16.22 -7.43
CA GLU A 241 6.17 17.57 -7.08
C GLU A 241 4.84 17.36 -6.30
N MET A 242 4.69 18.03 -5.16
CA MET A 242 3.44 17.97 -4.34
C MET A 242 2.42 18.93 -4.98
N ILE A 243 1.59 18.39 -5.88
CA ILE A 243 0.51 19.10 -6.63
C ILE A 243 -0.79 18.30 -6.52
N ASN A 244 -1.93 18.97 -6.69
CA ASN A 244 -3.23 18.28 -6.84
C ASN A 244 -3.50 17.44 -5.62
N ASN A 245 -3.20 17.96 -4.43
CA ASN A 245 -3.29 17.18 -3.17
C ASN A 245 -4.66 17.45 -2.54
N PHE A 246 -5.70 17.17 -3.31
CA PHE A 246 -7.13 17.37 -2.96
C PHE A 246 -7.91 16.13 -3.35
N ARG A 247 -8.95 15.78 -2.57
CA ARG A 247 -9.82 14.61 -2.87
C ARG A 247 -10.96 15.11 -3.76
N GLN A 248 -11.40 14.29 -4.70
CA GLN A 248 -12.63 14.55 -5.50
C GLN A 248 -13.83 14.63 -4.57
N VAL A 249 -14.86 15.40 -4.92
CA VAL A 249 -16.11 15.42 -4.13
C VAL A 249 -16.74 14.04 -4.08
N GLN A 250 -17.46 13.78 -2.99
CA GLN A 250 -18.09 12.48 -2.66
C GLN A 250 -19.60 12.53 -3.00
N LYS A 251 -20.25 11.40 -3.27
CA LYS A 251 -21.73 11.28 -3.21
C LYS A 251 -22.28 11.80 -1.86
N PHE A 252 -23.42 12.47 -1.90
CA PHE A 252 -24.11 13.05 -0.72
C PHE A 252 -25.60 12.74 -0.84
N ASP A 253 -25.99 11.49 -0.56
CA ASP A 253 -27.34 10.91 -0.84
C ASP A 253 -28.11 10.85 0.48
N GLU A 254 -29.32 11.43 0.47
CA GLU A 254 -30.35 11.29 1.54
C GLU A 254 -29.84 12.04 2.77
N ARG A 255 -29.25 13.21 2.56
CA ARG A 255 -28.52 13.99 3.61
C ARG A 255 -28.56 15.48 3.28
N LEU A 256 -28.39 16.33 4.30
CA LEU A 256 -28.43 17.80 4.14
C LEU A 256 -27.17 18.45 4.74
N VAL A 257 -26.81 19.56 4.10
CA VAL A 257 -25.87 20.59 4.60
C VAL A 257 -26.74 21.71 5.14
N TYR A 258 -26.46 22.18 6.36
CA TYR A 258 -27.23 23.30 6.97
C TYR A 258 -26.43 24.58 6.77
N THR A 259 -27.11 25.64 6.36
CA THR A 259 -26.50 26.98 6.27
C THR A 259 -26.93 27.84 7.45
N SER A 260 -26.06 28.76 7.84
CA SER A 260 -26.31 29.78 8.89
C SER A 260 -26.90 31.05 8.25
N PHE A 261 -27.14 31.06 6.93
CA PHE A 261 -27.60 32.22 6.12
C PHE A 261 -28.76 31.81 5.19
N SER A 262 -29.72 32.71 4.93
CA SER A 262 -30.94 32.47 4.10
C SER A 262 -30.78 33.08 2.70
N LYS B 3 -20.10 -8.18 -7.10
CA LYS B 3 -21.24 -7.25 -6.92
C LYS B 3 -20.74 -5.81 -6.74
N TRP B 4 -21.29 -4.85 -7.48
CA TRP B 4 -20.94 -3.42 -7.27
C TRP B 4 -22.23 -2.58 -7.30
N THR B 5 -22.23 -1.46 -6.57
CA THR B 5 -23.38 -0.52 -6.46
C THR B 5 -22.89 0.90 -6.66
N TYR B 6 -23.77 1.88 -6.58
CA TYR B 6 -23.39 3.31 -6.55
C TYR B 6 -23.59 3.86 -5.14
N PHE B 7 -23.79 3.00 -4.16
CA PHE B 7 -24.16 3.43 -2.79
C PHE B 7 -23.53 2.50 -1.76
N GLY B 8 -22.98 3.07 -0.69
CA GLY B 8 -22.60 2.32 0.51
C GLY B 8 -21.37 1.42 0.30
N PRO B 9 -21.23 0.36 1.10
CA PRO B 9 -19.97 -0.39 1.11
C PRO B 9 -19.49 -0.87 -0.26
N ASP B 10 -20.40 -1.21 -1.18
CA ASP B 10 -20.03 -1.81 -2.49
C ASP B 10 -20.00 -0.69 -3.55
N GLY B 11 -20.03 0.58 -3.12
CA GLY B 11 -20.06 1.78 -3.97
C GLY B 11 -18.69 2.12 -4.57
N GLU B 12 -18.62 3.25 -5.29
CA GLU B 12 -17.54 3.52 -6.31
C GLU B 12 -16.15 3.58 -5.64
N ASN B 13 -16.05 3.93 -4.36
CA ASN B 13 -14.74 4.07 -3.67
C ASN B 13 -14.15 2.68 -3.44
N SER B 14 -14.99 1.65 -3.52
CA SER B 14 -14.62 0.24 -3.25
C SER B 14 -14.55 -0.55 -4.55
N TRP B 15 -14.85 0.02 -5.72
CA TRP B 15 -14.81 -0.75 -6.99
C TRP B 15 -13.41 -1.35 -7.24
N SER B 16 -12.35 -0.60 -6.88
CA SER B 16 -10.92 -0.99 -7.12
C SER B 16 -10.60 -2.26 -6.34
N LYS B 17 -11.37 -2.56 -5.29
CA LYS B 17 -11.18 -3.83 -4.56
C LYS B 17 -11.55 -5.03 -5.42
N LYS B 18 -12.46 -4.86 -6.36
CA LYS B 18 -13.03 -6.00 -7.12
C LYS B 18 -12.57 -5.93 -8.56
N TYR B 19 -12.23 -4.74 -9.02
CA TYR B 19 -11.94 -4.41 -10.44
C TYR B 19 -10.69 -3.54 -10.49
N PRO B 20 -9.51 -4.14 -10.73
CA PRO B 20 -8.24 -3.40 -10.68
C PRO B 20 -8.19 -2.11 -11.50
N SER B 21 -8.73 -2.10 -12.72
CA SER B 21 -8.65 -0.93 -13.64
C SER B 21 -9.38 0.26 -13.05
N CYS B 22 -10.34 0.08 -12.13
CA CYS B 22 -11.15 1.20 -11.54
C CYS B 22 -10.25 2.10 -10.69
N GLY B 23 -9.07 1.62 -10.26
CA GLY B 23 -8.05 2.41 -9.52
C GLY B 23 -6.88 2.81 -10.43
N GLY B 24 -6.96 2.44 -11.70
CA GLY B 24 -5.90 2.69 -12.68
C GLY B 24 -5.94 4.07 -13.31
N LEU B 25 -5.19 4.18 -14.39
CA LEU B 25 -4.99 5.35 -15.26
C LEU B 25 -6.22 5.59 -16.17
N LEU B 26 -6.38 6.83 -16.66
CA LEU B 26 -7.30 7.22 -17.76
C LEU B 26 -8.77 6.95 -17.37
N GLN B 27 -9.15 7.09 -16.10
CA GLN B 27 -10.56 6.85 -15.70
C GLN B 27 -11.50 8.00 -16.15
N SER B 28 -12.74 7.60 -16.47
CA SER B 28 -13.87 8.48 -16.85
C SER B 28 -14.95 8.34 -15.78
N PRO B 29 -15.88 9.31 -15.60
CA PRO B 29 -15.92 10.55 -16.37
C PRO B 29 -15.06 11.68 -15.77
N ILE B 30 -15.06 12.83 -16.43
CA ILE B 30 -14.23 14.03 -16.05
C ILE B 30 -15.09 15.28 -16.14
N ASP B 31 -14.65 16.37 -15.46
CA ASP B 31 -15.23 17.72 -15.53
C ASP B 31 -14.55 18.43 -16.70
N LEU B 32 -15.36 18.82 -17.66
CA LEU B 32 -14.95 19.57 -18.87
C LEU B 32 -14.85 21.05 -18.48
N HIS B 33 -13.63 21.55 -18.26
CA HIS B 33 -13.42 22.98 -17.88
C HIS B 33 -12.27 23.60 -18.69
N SER B 34 -12.31 24.92 -18.79
CA SER B 34 -11.52 25.78 -19.71
C SER B 34 -10.04 25.39 -19.68
N ASP B 35 -9.51 25.12 -18.48
CA ASP B 35 -8.04 25.03 -18.23
C ASP B 35 -7.48 23.83 -19.00
N ILE B 36 -8.24 22.76 -19.22
CA ILE B 36 -7.75 21.48 -19.84
C ILE B 36 -8.32 21.28 -21.26
N LEU B 37 -9.02 22.27 -21.81
CA LEU B 37 -9.52 22.21 -23.22
C LEU B 37 -8.44 22.69 -24.19
N GLN B 38 -8.27 21.99 -25.30
CA GLN B 38 -7.43 22.49 -26.41
C GLN B 38 -8.13 22.30 -27.75
N TYR B 39 -8.36 23.41 -28.45
CA TYR B 39 -8.86 23.39 -29.85
C TYR B 39 -7.98 22.47 -30.71
N ASP B 40 -8.63 21.64 -31.52
CA ASP B 40 -7.96 20.77 -32.49
C ASP B 40 -8.78 20.79 -33.79
N ALA B 41 -8.27 21.48 -34.85
CA ALA B 41 -8.97 21.63 -36.14
C ALA B 41 -9.08 20.28 -36.86
N SER B 42 -8.27 19.29 -36.51
CA SER B 42 -8.30 17.97 -37.18
C SER B 42 -9.48 17.13 -36.62
N LEU B 43 -10.23 17.63 -35.63
CA LEU B 43 -11.44 16.92 -35.15
C LEU B 43 -12.61 17.22 -36.11
N THR B 44 -12.81 16.41 -37.15
CA THR B 44 -13.83 16.68 -38.20
C THR B 44 -15.15 16.02 -37.84
N PRO B 45 -16.27 16.42 -38.48
CA PRO B 45 -17.58 15.82 -38.20
C PRO B 45 -17.51 14.30 -38.31
N LEU B 46 -18.11 13.63 -37.34
CA LEU B 46 -18.40 12.19 -37.45
C LEU B 46 -19.63 12.01 -38.35
N GLU B 47 -19.63 10.92 -39.10
CA GLU B 47 -20.77 10.43 -39.91
C GLU B 47 -21.41 9.30 -39.11
N PHE B 48 -22.71 9.41 -38.88
CA PHE B 48 -23.51 8.36 -38.19
C PHE B 48 -24.16 7.51 -39.28
N GLN B 49 -23.73 6.26 -39.44
CA GLN B 49 -24.13 5.41 -40.59
C GLN B 49 -24.96 4.25 -40.05
N GLY B 50 -26.13 3.98 -40.66
CA GLY B 50 -27.05 2.91 -40.22
C GLY B 50 -27.69 3.22 -38.88
N TYR B 51 -27.78 4.51 -38.53
CA TYR B 51 -28.43 4.96 -37.26
C TYR B 51 -29.95 4.90 -37.43
N ASN B 52 -30.43 4.99 -38.68
CA ASN B 52 -31.89 4.94 -38.98
C ASN B 52 -32.31 3.47 -38.97
N LEU B 53 -32.62 2.98 -37.78
CA LEU B 53 -32.88 1.52 -37.58
C LEU B 53 -34.16 1.12 -38.31
N SER B 54 -34.19 -0.11 -38.76
CA SER B 54 -35.33 -0.72 -39.48
C SER B 54 -36.53 -0.69 -38.53
N ALA B 55 -37.48 0.22 -38.80
CA ALA B 55 -38.79 0.35 -38.14
C ALA B 55 -39.58 -0.97 -38.20
N ASN B 56 -39.20 -1.89 -39.10
CA ASN B 56 -39.80 -3.25 -39.22
C ASN B 56 -39.04 -4.24 -38.32
N LYS B 57 -38.01 -3.77 -37.60
CA LYS B 57 -37.17 -4.60 -36.70
C LYS B 57 -37.42 -4.17 -35.25
N GLN B 58 -37.26 -5.10 -34.32
CA GLN B 58 -37.40 -4.80 -32.87
C GLN B 58 -36.06 -5.09 -32.18
N PHE B 59 -35.72 -4.26 -31.21
CA PHE B 59 -34.41 -4.28 -30.50
C PHE B 59 -34.69 -4.46 -29.01
N LEU B 60 -33.88 -5.27 -28.36
CA LEU B 60 -34.10 -5.66 -26.95
C LEU B 60 -33.67 -4.56 -25.96
N LEU B 61 -34.61 -4.13 -25.11
CA LEU B 61 -34.39 -3.26 -23.92
C LEU B 61 -34.34 -4.11 -22.64
N THR B 62 -33.29 -3.94 -21.83
CA THR B 62 -33.11 -4.76 -20.59
C THR B 62 -32.81 -3.84 -19.42
N ASN B 63 -33.36 -4.23 -18.27
CA ASN B 63 -32.98 -3.75 -16.92
C ASN B 63 -31.92 -4.75 -16.41
N ASN B 64 -30.63 -4.38 -16.42
CA ASN B 64 -29.54 -5.27 -15.96
C ASN B 64 -29.13 -4.95 -14.51
N GLY B 65 -29.96 -4.24 -13.76
CA GLY B 65 -29.70 -3.92 -12.33
C GLY B 65 -28.84 -2.69 -12.09
N HIS B 66 -28.19 -2.13 -13.13
CA HIS B 66 -27.32 -0.93 -13.00
C HIS B 66 -27.83 0.21 -13.90
N SER B 67 -28.52 -0.14 -15.00
CA SER B 67 -29.12 0.84 -15.94
C SER B 67 -30.19 0.15 -16.78
N VAL B 68 -30.78 0.91 -17.69
CA VAL B 68 -31.61 0.34 -18.77
C VAL B 68 -30.77 0.46 -20.05
N LYS B 69 -30.65 -0.65 -20.76
CA LYS B 69 -29.78 -0.87 -21.93
C LYS B 69 -30.65 -1.26 -23.14
N LEU B 70 -30.41 -0.62 -24.29
CA LEU B 70 -30.95 -1.01 -25.62
C LEU B 70 -29.83 -1.69 -26.42
N ASN B 71 -30.01 -2.93 -26.85
CA ASN B 71 -29.05 -3.63 -27.74
C ASN B 71 -29.12 -2.97 -29.12
N LEU B 72 -27.98 -2.81 -29.78
CA LEU B 72 -27.91 -2.16 -31.11
C LEU B 72 -27.23 -3.11 -32.07
N PRO B 73 -27.56 -3.00 -33.37
CA PRO B 73 -26.94 -3.87 -34.36
C PRO B 73 -25.60 -3.33 -34.89
N SER B 74 -24.70 -4.26 -35.23
CA SER B 74 -23.28 -3.96 -35.57
C SER B 74 -23.17 -3.31 -36.94
N ASP B 75 -24.26 -3.23 -37.68
CA ASP B 75 -24.18 -2.52 -38.95
C ASP B 75 -24.30 -1.02 -38.71
N MET B 76 -24.76 -0.65 -37.53
CA MET B 76 -24.78 0.77 -37.16
C MET B 76 -23.32 1.16 -36.78
N HIS B 77 -22.75 2.22 -37.37
CA HIS B 77 -21.37 2.58 -36.99
C HIS B 77 -20.97 4.05 -37.10
N ILE B 78 -19.85 4.39 -36.49
CA ILE B 78 -19.23 5.72 -36.65
C ILE B 78 -18.20 5.65 -37.77
N GLN B 79 -18.22 6.67 -38.64
CA GLN B 79 -17.17 6.94 -39.66
C GLN B 79 -16.58 8.33 -39.42
N GLY B 80 -15.27 8.43 -39.64
CA GLY B 80 -14.51 9.64 -39.43
C GLY B 80 -13.31 9.38 -38.54
N LEU B 81 -13.36 8.34 -37.68
CA LEU B 81 -12.25 7.98 -36.83
C LEU B 81 -11.25 7.10 -37.64
N GLN B 82 -10.04 6.90 -37.12
CA GLN B 82 -9.03 6.13 -37.81
C GLN B 82 -9.53 4.72 -38.15
N SER B 83 -10.16 4.09 -37.19
CA SER B 83 -10.78 2.76 -37.30
C SER B 83 -12.30 2.92 -37.46
N ARG B 84 -12.99 1.97 -38.08
CA ARG B 84 -14.47 1.93 -37.95
C ARG B 84 -14.86 1.43 -36.55
N TYR B 85 -15.85 2.05 -35.91
CA TYR B 85 -16.43 1.56 -34.61
C TYR B 85 -17.91 1.25 -34.85
N SER B 86 -18.30 0.00 -34.59
CA SER B 86 -19.67 -0.52 -34.79
C SER B 86 -20.45 -0.47 -33.48
N ALA B 87 -21.74 -0.13 -33.51
CA ALA B 87 -22.58 0.00 -32.29
C ALA B 87 -22.74 -1.33 -31.59
N THR B 88 -22.85 -1.33 -30.26
CA THR B 88 -23.17 -2.55 -29.49
C THR B 88 -24.40 -2.32 -28.59
N GLN B 89 -24.54 -1.15 -27.96
CA GLN B 89 -25.70 -0.88 -27.07
C GLN B 89 -25.69 0.60 -26.70
N LEU B 90 -26.84 1.09 -26.25
CA LEU B 90 -26.90 2.39 -25.55
C LEU B 90 -27.56 2.17 -24.17
N HIS B 91 -27.38 3.10 -23.24
CA HIS B 91 -27.92 3.04 -21.86
C HIS B 91 -27.85 4.46 -21.28
N LEU B 92 -28.38 4.63 -20.09
CA LEU B 92 -28.45 5.99 -19.51
C LEU B 92 -27.94 6.00 -18.08
N HIS B 93 -27.72 7.22 -17.60
CA HIS B 93 -27.27 7.49 -16.22
C HIS B 93 -28.09 8.66 -15.70
N TRP B 94 -28.57 8.56 -14.48
CA TRP B 94 -29.47 9.61 -13.94
C TRP B 94 -29.37 9.73 -12.42
N GLY B 95 -30.03 10.76 -11.89
CA GLY B 95 -30.00 11.10 -10.45
C GLY B 95 -31.22 10.57 -9.72
N ASN B 96 -31.96 11.44 -9.05
CA ASN B 96 -33.17 11.06 -8.30
C ASN B 96 -34.04 12.32 -8.20
N PRO B 97 -35.34 12.21 -7.83
CA PRO B 97 -36.24 13.37 -7.79
C PRO B 97 -35.82 14.51 -6.85
N ASN B 98 -35.27 14.21 -5.67
CA ASN B 98 -34.74 15.24 -4.73
C ASN B 98 -33.45 15.93 -5.23
N ASP B 99 -32.72 15.34 -6.19
CA ASP B 99 -31.47 15.94 -6.76
C ASP B 99 -31.32 15.48 -8.21
N PRO B 100 -32.10 16.04 -9.15
CA PRO B 100 -32.19 15.53 -10.52
C PRO B 100 -31.03 16.09 -11.36
N HIS B 101 -29.80 15.76 -10.91
CA HIS B 101 -28.53 16.13 -11.56
C HIS B 101 -27.65 14.87 -11.62
N GLY B 102 -27.86 14.01 -12.62
CA GLY B 102 -27.27 12.66 -12.66
C GLY B 102 -26.42 12.37 -13.87
N SER B 103 -26.02 13.37 -14.66
CA SER B 103 -25.01 13.19 -15.74
C SER B 103 -23.69 12.73 -15.12
N GLU B 104 -22.90 11.98 -15.91
CA GLU B 104 -21.54 11.53 -15.49
C GLU B 104 -20.53 12.65 -15.78
N HIS B 105 -20.38 13.06 -17.04
CA HIS B 105 -19.56 14.25 -17.39
C HIS B 105 -20.24 15.48 -16.79
N THR B 106 -19.43 16.45 -16.36
CA THR B 106 -19.86 17.78 -15.91
C THR B 106 -19.17 18.78 -16.85
N VAL B 107 -19.73 19.98 -16.92
CA VAL B 107 -19.20 21.11 -17.70
C VAL B 107 -19.09 22.29 -16.75
N SER B 108 -17.87 22.71 -16.47
CA SER B 108 -17.57 23.77 -15.47
C SER B 108 -18.23 23.45 -14.12
N GLY B 109 -18.15 22.19 -13.69
CA GLY B 109 -18.56 21.70 -12.36
C GLY B 109 -20.04 21.40 -12.25
N GLN B 110 -20.80 21.61 -13.34
CA GLN B 110 -22.31 21.51 -13.39
C GLN B 110 -22.76 20.18 -13.99
N HIS B 111 -23.51 19.41 -13.21
CA HIS B 111 -24.20 18.17 -13.64
C HIS B 111 -25.40 18.59 -14.49
N PHE B 112 -25.61 17.90 -15.61
CA PHE B 112 -26.90 17.86 -16.33
C PHE B 112 -27.78 16.81 -15.66
N ALA B 113 -29.06 16.79 -16.04
CA ALA B 113 -30.08 15.90 -15.43
C ALA B 113 -29.67 14.44 -15.62
N ALA B 114 -29.12 14.13 -16.80
CA ALA B 114 -28.90 12.75 -17.21
C ALA B 114 -27.90 12.68 -18.36
N GLU B 115 -27.51 11.46 -18.74
CA GLU B 115 -26.56 11.33 -19.84
C GLU B 115 -26.87 10.04 -20.57
N LEU B 116 -26.83 10.10 -21.89
CA LEU B 116 -26.96 8.90 -22.76
C LEU B 116 -25.57 8.50 -23.25
N HIS B 117 -25.30 7.20 -23.23
CA HIS B 117 -24.09 6.62 -23.84
C HIS B 117 -24.46 5.64 -24.95
N ILE B 118 -23.90 5.89 -26.15
CA ILE B 118 -23.98 4.95 -27.31
C ILE B 118 -22.59 4.29 -27.46
N VAL B 119 -22.50 3.01 -27.12
CA VAL B 119 -21.25 2.21 -27.03
C VAL B 119 -20.98 1.53 -28.38
N HIS B 120 -19.78 1.74 -28.90
CA HIS B 120 -19.24 1.20 -30.17
C HIS B 120 -17.91 0.49 -29.92
N TYR B 121 -17.60 -0.55 -30.70
CA TYR B 121 -16.33 -1.28 -30.54
C TYR B 121 -15.60 -1.26 -31.87
N ASN B 122 -14.30 -1.56 -31.81
CA ASN B 122 -13.36 -1.38 -32.95
C ASN B 122 -13.48 -2.64 -33.79
N SER B 123 -14.36 -2.58 -34.79
CA SER B 123 -14.69 -3.74 -35.64
C SER B 123 -13.58 -3.95 -36.68
N ASP B 124 -12.71 -2.95 -36.91
CA ASP B 124 -11.52 -3.15 -37.79
C ASP B 124 -10.50 -4.03 -37.06
N LEU B 125 -10.28 -3.86 -35.75
CA LEU B 125 -9.25 -4.62 -34.99
C LEU B 125 -9.85 -5.85 -34.33
N TYR B 126 -11.10 -5.83 -33.85
CA TYR B 126 -11.66 -6.92 -32.99
C TYR B 126 -12.97 -7.46 -33.55
N PRO B 127 -13.21 -8.76 -33.27
CA PRO B 127 -14.32 -9.46 -33.90
C PRO B 127 -15.63 -9.23 -33.15
N ASP B 128 -15.59 -8.81 -31.88
CA ASP B 128 -16.83 -8.49 -31.12
C ASP B 128 -16.50 -7.46 -30.03
N ALA B 129 -17.53 -6.93 -29.38
CA ALA B 129 -17.42 -5.82 -28.40
C ALA B 129 -16.83 -6.34 -27.08
N SER B 130 -17.09 -7.60 -26.72
CA SER B 130 -16.57 -8.21 -25.47
C SER B 130 -15.03 -8.31 -25.61
N THR B 131 -14.57 -8.91 -26.72
CA THR B 131 -13.14 -9.05 -27.04
C THR B 131 -12.47 -7.67 -27.06
N ALA B 132 -13.14 -6.67 -27.64
CA ALA B 132 -12.62 -5.30 -27.81
C ALA B 132 -12.46 -4.58 -26.46
N SER B 133 -13.32 -4.88 -25.50
CA SER B 133 -13.56 -3.96 -24.35
C SER B 133 -12.28 -3.79 -23.53
N ASN B 134 -11.42 -4.82 -23.47
CA ASN B 134 -10.22 -4.75 -22.61
C ASN B 134 -8.97 -4.58 -23.46
N LYS B 135 -9.09 -4.11 -24.71
CA LYS B 135 -7.93 -4.08 -25.65
C LYS B 135 -7.68 -2.66 -26.15
N SER B 136 -6.46 -2.43 -26.62
CA SER B 136 -5.99 -1.14 -27.19
C SER B 136 -7.00 -0.62 -28.22
N GLU B 137 -7.46 0.63 -28.07
CA GLU B 137 -8.41 1.29 -29.00
C GLU B 137 -9.68 0.44 -29.20
N GLY B 138 -10.11 -0.30 -28.18
CA GLY B 138 -11.23 -1.24 -28.28
C GLY B 138 -12.60 -0.56 -28.44
N LEU B 139 -12.82 0.60 -27.80
CA LEU B 139 -14.18 1.15 -27.67
C LEU B 139 -14.23 2.64 -27.99
N ALA B 140 -15.40 3.07 -28.46
CA ALA B 140 -15.72 4.49 -28.66
C ALA B 140 -17.14 4.74 -28.17
N VAL B 141 -17.33 5.75 -27.33
CA VAL B 141 -18.67 6.08 -26.81
C VAL B 141 -18.99 7.49 -27.30
N LEU B 142 -20.19 7.69 -27.78
CA LEU B 142 -20.85 9.02 -27.92
C LEU B 142 -21.66 9.29 -26.66
N ALA B 143 -21.45 10.46 -26.09
CA ALA B 143 -22.12 10.89 -24.85
C ALA B 143 -23.03 12.08 -25.21
N VAL B 144 -24.28 12.03 -24.77
CA VAL B 144 -25.28 13.13 -24.93
C VAL B 144 -25.69 13.58 -23.54
N LEU B 145 -25.40 14.83 -23.23
CA LEU B 145 -25.86 15.44 -21.96
C LEU B 145 -27.34 15.82 -22.10
N ILE B 146 -28.14 15.52 -21.07
CA ILE B 146 -29.63 15.69 -21.07
C ILE B 146 -30.03 16.69 -19.98
N GLU B 147 -30.72 17.76 -20.37
CA GLU B 147 -31.32 18.71 -19.40
C GLU B 147 -32.86 18.66 -19.45
N MET B 148 -33.46 19.13 -18.35
CA MET B 148 -34.93 19.29 -18.22
C MET B 148 -35.35 20.35 -19.22
N GLY B 149 -36.36 20.06 -20.03
CA GLY B 149 -36.88 21.08 -20.98
C GLY B 149 -38.10 20.58 -21.71
N SER B 150 -38.11 20.71 -23.04
CA SER B 150 -39.17 20.23 -23.95
C SER B 150 -39.25 18.71 -23.87
N PHE B 151 -40.47 18.21 -23.93
CA PHE B 151 -40.79 16.79 -24.22
C PHE B 151 -40.03 16.36 -25.49
N ASN B 152 -39.49 15.15 -25.49
CA ASN B 152 -38.64 14.62 -26.56
C ASN B 152 -39.29 13.35 -27.08
N PRO B 153 -39.97 13.43 -28.26
CA PRO B 153 -40.63 12.28 -28.86
C PRO B 153 -39.70 11.10 -29.11
N SER B 154 -38.47 11.36 -29.55
CA SER B 154 -37.43 10.35 -29.85
C SER B 154 -36.99 9.61 -28.58
N TYR B 155 -36.71 10.32 -27.50
CA TYR B 155 -36.34 9.69 -26.20
C TYR B 155 -37.55 8.87 -25.71
N ASP B 156 -38.77 9.32 -26.02
CA ASP B 156 -39.99 8.63 -25.57
C ASP B 156 -40.14 7.27 -26.26
N LYS B 157 -39.53 7.06 -27.43
CA LYS B 157 -39.50 5.73 -28.10
C LYS B 157 -38.84 4.69 -27.19
N ILE B 158 -37.92 5.12 -26.33
CA ILE B 158 -37.37 4.25 -25.24
C ILE B 158 -38.26 4.36 -24.00
N PHE B 159 -38.52 5.58 -23.52
CA PHE B 159 -39.08 5.78 -22.18
C PHE B 159 -40.48 5.16 -22.08
N SER B 160 -41.22 5.14 -23.19
CA SER B 160 -42.60 4.63 -23.24
C SER B 160 -42.59 3.16 -22.78
N HIS B 161 -41.45 2.46 -22.77
CA HIS B 161 -41.41 1.01 -22.39
C HIS B 161 -40.88 0.78 -20.96
N LEU B 162 -40.56 1.83 -20.18
CA LEU B 162 -39.92 1.66 -18.85
C LEU B 162 -40.79 0.84 -17.90
N GLN B 163 -42.12 0.94 -18.01
CA GLN B 163 -43.02 0.24 -17.06
C GLN B 163 -42.99 -1.26 -17.36
N HIS B 164 -42.32 -1.69 -18.44
CA HIS B 164 -42.23 -3.14 -18.79
C HIS B 164 -40.80 -3.67 -18.60
N VAL B 165 -39.91 -2.90 -17.99
CA VAL B 165 -38.56 -3.37 -17.56
C VAL B 165 -38.27 -2.84 -16.15
N LYS B 166 -39.26 -2.86 -15.25
CA LYS B 166 -39.16 -2.17 -13.94
C LYS B 166 -38.11 -2.85 -13.05
N TYR B 167 -37.94 -4.18 -13.18
CA TYR B 167 -37.15 -5.02 -12.24
C TYR B 167 -35.96 -5.66 -12.96
N LYS B 168 -34.92 -5.94 -12.20
CA LYS B 168 -33.66 -6.51 -12.71
C LYS B 168 -33.98 -7.75 -13.55
N GLY B 169 -33.46 -7.81 -14.78
CA GLY B 169 -33.52 -8.99 -15.67
C GLY B 169 -34.77 -8.97 -16.55
N GLN B 170 -35.64 -8.00 -16.38
CA GLN B 170 -36.84 -7.83 -17.24
C GLN B 170 -36.43 -7.24 -18.60
N GLU B 171 -37.11 -7.68 -19.66
CA GLU B 171 -36.82 -7.22 -21.04
C GLU B 171 -38.11 -6.81 -21.74
N ALA B 172 -38.01 -5.97 -22.77
CA ALA B 172 -39.10 -5.39 -23.57
C ALA B 172 -38.53 -5.18 -24.96
N PHE B 173 -39.33 -5.31 -26.01
CA PHE B 173 -38.90 -5.09 -27.40
C PHE B 173 -39.20 -3.64 -27.73
N VAL B 174 -38.30 -3.00 -28.45
CA VAL B 174 -38.45 -1.59 -28.92
C VAL B 174 -38.35 -1.62 -30.44
N PRO B 175 -39.39 -1.13 -31.16
CA PRO B 175 -39.30 -0.96 -32.60
C PRO B 175 -38.19 -0.01 -33.02
N GLY B 176 -37.50 -0.39 -34.09
CA GLY B 176 -36.50 0.47 -34.77
C GLY B 176 -36.97 1.90 -34.90
N PHE B 177 -36.10 2.85 -34.59
CA PHE B 177 -36.24 4.29 -34.91
C PHE B 177 -34.86 4.88 -35.23
N ASN B 178 -34.83 6.17 -35.54
CA ASN B 178 -33.59 6.85 -35.98
C ASN B 178 -32.82 7.29 -34.75
N ILE B 179 -31.76 6.57 -34.38
CA ILE B 179 -30.96 6.86 -33.15
C ILE B 179 -30.34 8.23 -33.27
N GLU B 180 -30.09 8.72 -34.50
CA GLU B 180 -29.51 10.06 -34.69
C GLU B 180 -30.44 11.11 -34.07
N GLU B 181 -31.75 10.84 -33.97
CA GLU B 181 -32.74 11.73 -33.31
C GLU B 181 -32.40 11.91 -31.81
N LEU B 182 -31.63 10.98 -31.21
CA LEU B 182 -31.25 11.11 -29.77
C LEU B 182 -30.07 12.08 -29.65
N LEU B 183 -29.46 12.49 -30.76
CA LEU B 183 -28.24 13.34 -30.78
C LEU B 183 -28.69 14.79 -30.84
N PRO B 184 -27.91 15.72 -30.24
CA PRO B 184 -28.31 17.12 -30.17
C PRO B 184 -27.99 17.85 -31.48
N GLU B 185 -28.25 19.16 -31.48
CA GLU B 185 -27.88 20.07 -32.58
C GLU B 185 -26.36 20.15 -32.71
N ARG B 186 -25.89 20.52 -33.90
CA ARG B 186 -24.46 20.78 -34.17
C ARG B 186 -23.60 19.66 -33.58
N THR B 187 -23.81 18.42 -34.05
CA THR B 187 -22.93 17.29 -33.68
C THR B 187 -21.49 17.52 -34.15
N ALA B 188 -21.23 18.52 -35.01
CA ALA B 188 -19.88 18.94 -35.41
C ALA B 188 -19.10 19.48 -34.20
N GLU B 189 -19.79 19.99 -33.15
CA GLU B 189 -19.18 20.57 -31.93
C GLU B 189 -19.11 19.56 -30.80
N TYR B 190 -17.90 19.11 -30.44
CA TYR B 190 -17.72 18.02 -29.46
C TYR B 190 -16.39 18.10 -28.73
N TYR B 191 -16.37 17.47 -27.55
CA TYR B 191 -15.15 17.20 -26.77
C TYR B 191 -14.66 15.79 -27.09
N ARG B 192 -13.34 15.61 -27.11
CA ARG B 192 -12.71 14.31 -27.40
C ARG B 192 -11.58 14.07 -26.40
N TYR B 193 -11.53 12.91 -25.76
CA TYR B 193 -10.40 12.58 -24.84
C TYR B 193 -10.32 11.06 -24.70
N ARG B 194 -9.19 10.57 -24.18
CA ARG B 194 -8.94 9.12 -23.98
C ARG B 194 -9.31 8.78 -22.54
N GLY B 195 -10.19 7.80 -22.37
CA GLY B 195 -10.67 7.48 -21.02
C GLY B 195 -11.01 6.03 -20.91
N SER B 196 -11.99 5.76 -20.06
CA SER B 196 -12.32 4.42 -19.53
C SER B 196 -13.83 4.14 -19.63
N LEU B 197 -14.23 2.88 -19.41
CA LEU B 197 -15.62 2.58 -18.94
C LEU B 197 -15.86 3.36 -17.64
N THR B 198 -17.07 3.89 -17.40
CA THR B 198 -17.46 4.62 -16.15
C THR B 198 -18.06 3.61 -15.16
N THR B 199 -18.16 2.36 -15.56
CA THR B 199 -18.66 1.28 -14.69
C THR B 199 -17.59 0.19 -14.67
N PRO B 200 -17.53 -0.60 -13.61
CA PRO B 200 -16.73 -1.80 -13.65
C PRO B 200 -16.95 -2.51 -14.97
N PRO B 201 -15.93 -3.15 -15.59
CA PRO B 201 -14.56 -3.23 -15.06
C PRO B 201 -13.61 -2.03 -15.22
N CYS B 202 -14.09 -0.92 -15.78
CA CYS B 202 -13.41 0.40 -15.81
C CYS B 202 -12.18 0.40 -16.75
N ASN B 203 -12.12 -0.49 -17.72
CA ASN B 203 -10.97 -0.62 -18.64
C ASN B 203 -10.68 0.72 -19.31
N PRO B 204 -9.40 1.12 -19.39
CA PRO B 204 -9.01 2.40 -20.01
C PRO B 204 -8.90 2.32 -21.54
N THR B 205 -9.98 1.87 -22.18
CA THR B 205 -9.97 1.47 -23.62
C THR B 205 -10.91 2.36 -24.44
N VAL B 206 -11.42 3.48 -23.91
CA VAL B 206 -12.53 4.22 -24.57
C VAL B 206 -12.04 5.53 -25.19
N LEU B 207 -12.29 5.71 -26.48
CA LEU B 207 -12.20 7.06 -27.08
C LEU B 207 -13.53 7.76 -26.84
N TRP B 208 -13.56 8.86 -26.07
CA TRP B 208 -14.80 9.55 -25.68
C TRP B 208 -15.05 10.69 -26.67
N THR B 209 -16.32 10.81 -27.07
CA THR B 209 -16.87 11.99 -27.77
C THR B 209 -18.09 12.47 -26.98
N VAL B 210 -17.98 13.63 -26.33
CA VAL B 210 -19.10 14.27 -25.60
C VAL B 210 -19.56 15.45 -26.44
N PHE B 211 -20.81 15.43 -26.93
CA PHE B 211 -21.35 16.53 -27.76
C PHE B 211 -21.42 17.76 -26.88
N ARG B 212 -21.08 18.91 -27.45
CA ARG B 212 -21.09 20.22 -26.73
C ARG B 212 -22.52 20.53 -26.27
N ASN B 213 -23.51 20.33 -27.11
CA ASN B 213 -24.90 20.81 -26.86
C ASN B 213 -25.70 19.70 -26.18
N PRO B 214 -26.45 20.02 -25.10
CA PRO B 214 -27.37 19.04 -24.53
C PRO B 214 -28.65 18.90 -25.39
N VAL B 215 -29.37 17.79 -25.20
CA VAL B 215 -30.78 17.63 -25.65
C VAL B 215 -31.69 17.90 -24.45
N GLN B 216 -32.98 18.11 -24.69
CA GLN B 216 -34.00 18.22 -23.63
C GLN B 216 -34.94 17.01 -23.60
N ILE B 217 -35.37 16.65 -22.41
CA ILE B 217 -36.54 15.77 -22.16
C ILE B 217 -37.38 16.50 -21.11
N SER B 218 -38.63 16.13 -20.96
CA SER B 218 -39.56 16.91 -20.10
C SER B 218 -39.31 16.52 -18.65
N GLN B 219 -39.75 17.39 -17.73
CA GLN B 219 -39.88 17.07 -16.29
C GLN B 219 -40.50 15.68 -16.19
N GLU B 220 -41.60 15.40 -16.90
CA GLU B 220 -42.28 14.09 -16.64
C GLU B 220 -41.45 12.94 -17.24
N GLN B 221 -40.74 13.14 -18.35
CA GLN B 221 -39.90 12.05 -18.93
C GLN B 221 -38.78 11.75 -17.91
N LEU B 222 -38.19 12.82 -17.36
CA LEU B 222 -37.09 12.71 -16.37
C LEU B 222 -37.62 11.99 -15.11
N LEU B 223 -38.78 12.38 -14.62
CA LEU B 223 -39.32 11.76 -13.38
C LEU B 223 -39.64 10.28 -13.62
N ALA B 224 -40.13 9.87 -14.81
CA ALA B 224 -40.37 8.45 -15.19
C ALA B 224 -39.06 7.65 -15.07
N LEU B 225 -38.01 8.14 -15.72
CA LEU B 225 -36.68 7.50 -15.70
C LEU B 225 -36.23 7.31 -14.25
N GLU B 226 -36.45 8.33 -13.39
CA GLU B 226 -35.93 8.38 -12.01
C GLU B 226 -36.76 7.48 -11.09
N THR B 227 -37.96 7.03 -11.49
CA THR B 227 -38.96 6.43 -10.59
C THR B 227 -39.45 5.07 -11.10
N ALA B 228 -39.21 4.72 -12.37
CA ALA B 228 -39.79 3.48 -12.96
C ALA B 228 -39.04 2.21 -12.52
N LEU B 229 -37.73 2.31 -12.28
CA LEU B 229 -36.83 1.13 -12.32
C LEU B 229 -36.31 0.78 -10.93
N TYR B 230 -36.09 -0.50 -10.72
CA TYR B 230 -35.62 -1.08 -9.43
C TYR B 230 -34.37 -1.88 -9.78
N CYS B 231 -33.37 -1.90 -8.91
CA CYS B 231 -32.18 -2.76 -9.12
C CYS B 231 -32.43 -4.16 -8.56
N THR B 232 -33.57 -4.42 -7.89
CA THR B 232 -33.96 -5.75 -7.32
C THR B 232 -34.87 -6.56 -8.27
N HIS B 233 -34.96 -7.89 -8.09
CA HIS B 233 -35.85 -8.77 -8.91
C HIS B 233 -37.32 -8.52 -8.54
N MET B 234 -38.23 -8.86 -9.45
CA MET B 234 -39.70 -8.62 -9.26
C MET B 234 -40.21 -9.40 -8.03
N ASP B 235 -39.63 -10.56 -7.72
CA ASP B 235 -40.14 -11.42 -6.60
C ASP B 235 -39.61 -10.93 -5.25
N ASP B 236 -38.66 -9.98 -5.23
CA ASP B 236 -37.97 -9.53 -4.00
C ASP B 236 -38.92 -8.63 -3.21
N PRO B 237 -39.39 -9.06 -2.01
CA PRO B 237 -40.31 -8.23 -1.22
C PRO B 237 -39.72 -6.96 -0.58
N SER B 238 -38.41 -6.67 -0.74
CA SER B 238 -37.71 -5.46 -0.24
C SER B 238 -37.07 -4.69 -1.40
N PRO B 239 -37.89 -4.09 -2.29
CA PRO B 239 -37.35 -3.46 -3.51
C PRO B 239 -36.33 -2.37 -3.18
N ARG B 240 -35.34 -2.17 -4.06
CA ARG B 240 -34.47 -0.97 -4.07
C ARG B 240 -34.65 -0.26 -5.42
N GLU B 241 -34.85 1.06 -5.37
CA GLU B 241 -34.99 1.99 -6.50
C GLU B 241 -33.66 2.08 -7.25
N MET B 242 -33.69 2.17 -8.58
CA MET B 242 -32.48 2.42 -9.39
C MET B 242 -32.39 3.93 -9.60
N ILE B 243 -31.55 4.57 -8.80
CA ILE B 243 -31.33 6.04 -8.76
C ILE B 243 -29.82 6.29 -8.59
N ASN B 244 -29.36 7.47 -8.99
CA ASN B 244 -27.98 7.98 -8.76
C ASN B 244 -26.96 6.97 -9.33
N ASN B 245 -27.25 6.42 -10.52
CA ASN B 245 -26.40 5.39 -11.19
C ASN B 245 -25.39 6.12 -12.11
N PHE B 246 -24.67 7.11 -11.53
CA PHE B 246 -23.60 7.91 -12.16
C PHE B 246 -22.33 7.86 -11.28
N ARG B 247 -21.17 7.79 -11.94
CA ARG B 247 -19.86 7.80 -11.25
C ARG B 247 -19.44 9.25 -11.01
N GLN B 248 -18.83 9.56 -9.87
CA GLN B 248 -18.20 10.91 -9.63
C GLN B 248 -17.05 11.16 -10.62
N VAL B 249 -16.77 12.42 -10.91
CA VAL B 249 -15.70 12.80 -11.88
C VAL B 249 -14.32 12.43 -11.28
N GLN B 250 -13.35 12.14 -12.15
CA GLN B 250 -12.02 11.55 -11.85
C GLN B 250 -10.91 12.57 -12.02
N LYS B 251 -9.76 12.36 -11.37
CA LYS B 251 -8.60 13.26 -11.60
C LYS B 251 -8.26 13.20 -13.09
N PHE B 252 -7.87 14.33 -13.64
CA PHE B 252 -7.50 14.39 -15.06
C PHE B 252 -6.04 14.78 -15.16
N ASP B 253 -5.14 13.92 -14.69
CA ASP B 253 -3.73 14.30 -14.41
C ASP B 253 -2.93 14.05 -15.70
N GLU B 254 -2.39 15.15 -16.26
CA GLU B 254 -1.54 15.22 -17.48
C GLU B 254 -2.44 15.33 -18.72
N ARG B 255 -3.53 14.55 -18.80
CA ARG B 255 -4.46 14.51 -19.97
C ARG B 255 -5.01 15.90 -20.31
N LEU B 256 -5.25 16.17 -21.60
CA LEU B 256 -6.06 17.33 -22.05
C LEU B 256 -7.32 16.82 -22.76
N VAL B 257 -8.29 17.71 -22.92
CA VAL B 257 -9.50 17.46 -23.72
C VAL B 257 -9.44 18.30 -25.01
N TYR B 258 -9.61 17.65 -26.15
CA TYR B 258 -9.52 18.34 -27.46
C TYR B 258 -10.93 18.69 -27.89
N THR B 259 -11.13 19.89 -28.44
CA THR B 259 -12.46 20.42 -28.78
C THR B 259 -12.48 20.75 -30.27
N SER B 260 -13.61 20.46 -30.91
CA SER B 260 -13.83 20.73 -32.35
C SER B 260 -14.30 22.17 -32.52
N PHE B 261 -14.52 22.90 -31.42
CA PHE B 261 -15.05 24.28 -31.36
C PHE B 261 -14.11 25.13 -30.50
N SER B 262 -14.29 26.45 -30.50
CA SER B 262 -13.50 27.41 -29.68
C SER B 262 -14.33 28.67 -29.39
N LYS C 3 11.18 -36.41 5.61
CA LYS C 3 10.07 -35.47 6.07
C LYS C 3 10.60 -34.04 6.32
N TRP C 4 9.97 -33.02 5.76
CA TRP C 4 10.35 -31.62 6.06
C TRP C 4 9.12 -30.73 6.15
N THR C 5 9.21 -29.63 6.92
CA THR C 5 8.07 -28.75 7.21
C THR C 5 8.55 -27.32 7.32
N TYR C 6 7.65 -26.39 7.66
CA TYR C 6 8.03 -24.98 7.95
C TYR C 6 7.79 -24.62 9.41
N PHE C 7 7.55 -25.58 10.31
CA PHE C 7 7.27 -25.30 11.73
C PHE C 7 7.72 -26.48 12.57
N GLY C 8 8.30 -26.25 13.74
CA GLY C 8 8.59 -27.30 14.71
C GLY C 8 9.84 -28.10 14.34
N PRO C 9 9.95 -29.34 14.85
CA PRO C 9 11.17 -30.14 14.75
C PRO C 9 11.74 -30.29 13.34
N ASP C 10 10.88 -30.42 12.30
CA ASP C 10 11.26 -30.70 10.89
C ASP C 10 11.34 -29.38 10.10
N GLY C 11 11.28 -28.23 10.78
CA GLY C 11 11.32 -26.87 10.23
C GLY C 11 12.67 -26.46 9.67
N GLU C 12 12.78 -25.22 9.19
CA GLU C 12 13.89 -24.86 8.25
C GLU C 12 15.29 -24.91 8.90
N ASN C 13 15.44 -24.73 10.22
CA ASN C 13 16.72 -24.78 10.95
C ASN C 13 17.27 -26.21 10.96
N SER C 14 16.43 -27.19 10.71
CA SER C 14 16.74 -28.63 10.75
C SER C 14 16.79 -29.23 9.33
N TRP C 15 16.46 -28.52 8.25
CA TRP C 15 16.52 -29.11 6.86
C TRP C 15 17.91 -29.68 6.53
N SER C 16 18.97 -28.99 6.97
CA SER C 16 20.38 -29.31 6.67
C SER C 16 20.71 -30.73 7.15
N LYS C 17 19.99 -31.26 8.14
CA LYS C 17 20.26 -32.60 8.70
C LYS C 17 19.96 -33.66 7.66
N LYS C 18 18.90 -33.47 6.89
CA LYS C 18 18.43 -34.50 5.93
C LYS C 18 18.88 -34.08 4.55
N TYR C 19 19.05 -32.78 4.33
CA TYR C 19 19.26 -32.20 2.98
C TYR C 19 20.48 -31.28 3.06
N PRO C 20 21.70 -31.85 2.97
CA PRO C 20 22.91 -31.08 3.30
C PRO C 20 23.05 -29.77 2.51
N SER C 21 22.56 -29.69 1.26
CA SER C 21 22.68 -28.47 0.43
C SER C 21 21.96 -27.28 1.10
N CYS C 22 20.95 -27.50 1.95
CA CYS C 22 20.21 -26.43 2.69
C CYS C 22 21.17 -25.68 3.64
N GLY C 23 22.31 -26.29 3.99
CA GLY C 23 23.35 -25.62 4.82
C GLY C 23 24.58 -25.23 4.02
N GLY C 24 24.52 -25.35 2.70
CA GLY C 24 25.62 -25.03 1.78
C GLY C 24 25.58 -23.59 1.31
N LEU C 25 26.26 -23.32 0.20
CA LEU C 25 26.43 -21.95 -0.38
C LEU C 25 25.28 -21.64 -1.35
N LEU C 26 25.18 -20.36 -1.72
CA LEU C 26 24.27 -19.82 -2.75
C LEU C 26 22.82 -20.15 -2.37
N GLN C 27 22.46 -20.04 -1.10
CA GLN C 27 21.06 -20.32 -0.68
C GLN C 27 20.13 -19.13 -0.98
N SER C 28 18.88 -19.46 -1.34
CA SER C 28 17.75 -18.51 -1.51
C SER C 28 16.71 -18.77 -0.44
N PRO C 29 15.79 -17.81 -0.10
CA PRO C 29 15.72 -16.50 -0.71
C PRO C 29 16.62 -15.50 0.03
N ILE C 30 16.59 -14.24 -0.44
CA ILE C 30 17.44 -13.16 0.12
C ILE C 30 16.60 -11.91 0.24
N ASP C 31 17.11 -10.96 1.02
CA ASP C 31 16.58 -9.58 1.07
C ASP C 31 17.29 -8.78 -0.04
N LEU C 32 16.47 -8.15 -0.87
CA LEU C 32 16.92 -7.35 -2.03
C LEU C 32 17.07 -5.91 -1.54
N HIS C 33 18.29 -5.52 -1.19
CA HIS C 33 18.58 -4.16 -0.63
C HIS C 33 19.79 -3.48 -1.32
N SER C 34 19.87 -2.14 -1.23
CA SER C 34 20.75 -1.24 -2.04
C SER C 34 22.22 -1.67 -1.96
N ASP C 35 22.71 -1.96 -0.75
CA ASP C 35 24.13 -2.33 -0.49
C ASP C 35 24.59 -3.45 -1.44
N ILE C 36 23.71 -4.37 -1.86
CA ILE C 36 24.12 -5.57 -2.65
C ILE C 36 23.61 -5.50 -4.08
N LEU C 37 23.08 -4.35 -4.52
CA LEU C 37 22.49 -4.24 -5.88
C LEU C 37 23.51 -3.64 -6.83
N GLN C 38 23.50 -4.08 -8.08
CA GLN C 38 24.30 -3.43 -9.14
C GLN C 38 23.55 -3.41 -10.46
N TYR C 39 23.47 -2.25 -11.08
CA TYR C 39 22.87 -2.06 -12.41
C TYR C 39 23.74 -2.77 -13.46
N ASP C 40 23.08 -3.57 -14.28
CA ASP C 40 23.72 -4.31 -15.39
C ASP C 40 22.88 -4.07 -16.64
N ALA C 41 23.31 -3.13 -17.48
CA ALA C 41 22.63 -2.72 -18.72
C ALA C 41 22.62 -3.88 -19.73
N SER C 42 23.32 -4.99 -19.47
CA SER C 42 23.40 -6.14 -20.40
C SER C 42 22.18 -7.06 -20.19
N LEU C 43 21.43 -6.89 -19.09
CA LEU C 43 20.27 -7.77 -18.75
C LEU C 43 19.10 -7.46 -19.70
N THR C 44 18.89 -8.34 -20.66
CA THR C 44 17.92 -8.09 -21.76
C THR C 44 16.53 -8.49 -21.27
N PRO C 45 15.47 -7.87 -21.85
CA PRO C 45 14.11 -8.16 -21.47
C PRO C 45 13.81 -9.61 -21.87
N LEU C 46 13.23 -10.37 -20.95
CA LEU C 46 12.83 -11.77 -21.22
C LEU C 46 11.66 -11.75 -22.19
N GLU C 47 11.61 -12.76 -23.06
CA GLU C 47 10.43 -13.08 -23.90
C GLU C 47 9.74 -14.29 -23.29
N PHE C 48 8.42 -14.23 -23.18
CA PHE C 48 7.59 -15.35 -22.67
C PHE C 48 6.91 -16.01 -23.88
N GLN C 49 7.40 -17.18 -24.28
CA GLN C 49 6.95 -17.93 -25.49
C GLN C 49 6.08 -19.09 -25.05
N GLY C 50 4.89 -19.27 -25.67
CA GLY C 50 3.98 -20.38 -25.32
C GLY C 50 3.36 -20.21 -23.95
N TYR C 51 3.33 -19.00 -23.38
CA TYR C 51 2.72 -18.67 -22.07
C TYR C 51 1.18 -18.65 -22.18
N ASN C 52 0.65 -18.41 -23.38
CA ASN C 52 -0.82 -18.38 -23.61
C ASN C 52 -1.32 -19.81 -23.81
N LEU C 53 -1.58 -20.54 -22.70
CA LEU C 53 -1.90 -21.99 -22.72
C LEU C 53 -3.25 -22.21 -23.43
N SER C 54 -3.37 -23.31 -24.18
CA SER C 54 -4.62 -23.70 -24.88
C SER C 54 -5.76 -23.81 -23.86
N ALA C 55 -6.78 -22.94 -24.00
CA ALA C 55 -8.06 -22.98 -23.24
C ALA C 55 -8.72 -24.35 -23.41
N ASN C 56 -8.41 -25.04 -24.52
CA ASN C 56 -8.96 -26.38 -24.85
C ASN C 56 -8.19 -27.47 -24.10
N LYS C 57 -7.12 -27.13 -23.37
CA LYS C 57 -6.28 -28.10 -22.62
C LYS C 57 -6.48 -27.87 -21.11
N GLN C 58 -6.37 -28.91 -20.28
CA GLN C 58 -6.42 -28.78 -18.80
C GLN C 58 -5.07 -29.16 -18.18
N PHE C 59 -4.70 -28.52 -17.09
CA PHE C 59 -3.37 -28.72 -16.43
C PHE C 59 -3.59 -29.15 -14.98
N LEU C 60 -2.82 -30.11 -14.50
CA LEU C 60 -2.98 -30.69 -13.13
C LEU C 60 -2.54 -29.70 -12.03
N LEU C 61 -3.43 -29.47 -11.07
CA LEU C 61 -3.19 -28.75 -9.78
C LEU C 61 -3.12 -29.81 -8.69
N THR C 62 -2.04 -29.83 -7.91
CA THR C 62 -1.91 -30.75 -6.76
C THR C 62 -1.57 -29.99 -5.48
N ASN C 63 -2.11 -30.50 -4.38
CA ASN C 63 -1.66 -30.22 -3.01
C ASN C 63 -0.64 -31.31 -2.71
N ASN C 64 0.66 -30.98 -2.70
CA ASN C 64 1.73 -31.96 -2.39
C ASN C 64 2.17 -31.88 -0.92
N GLY C 65 1.43 -31.18 -0.06
CA GLY C 65 1.69 -31.13 1.40
C GLY C 65 2.57 -29.96 1.82
N HIS C 66 3.19 -29.29 0.85
CA HIS C 66 4.11 -28.14 1.06
C HIS C 66 3.54 -26.85 0.45
N SER C 67 2.76 -26.98 -0.64
CA SER C 67 2.23 -25.83 -1.43
C SER C 67 1.15 -26.33 -2.39
N VAL C 68 0.66 -25.45 -3.25
CA VAL C 68 -0.25 -25.85 -4.35
C VAL C 68 0.56 -25.63 -5.65
N LYS C 69 0.65 -26.69 -6.45
CA LYS C 69 1.49 -26.70 -7.67
C LYS C 69 0.62 -26.92 -8.90
N LEU C 70 0.82 -26.12 -9.95
CA LEU C 70 0.19 -26.28 -11.29
C LEU C 70 1.22 -26.87 -12.25
N ASN C 71 0.96 -28.02 -12.87
CA ASN C 71 1.93 -28.57 -13.85
C ASN C 71 1.89 -27.66 -15.08
N LEU C 72 3.05 -27.43 -15.69
CA LEU C 72 3.13 -26.64 -16.95
C LEU C 72 3.80 -27.46 -18.03
N PRO C 73 3.44 -27.20 -19.30
CA PRO C 73 3.99 -27.94 -20.45
C PRO C 73 5.34 -27.39 -20.94
N SER C 74 6.19 -28.27 -21.47
CA SER C 74 7.59 -27.93 -21.83
C SER C 74 7.66 -26.96 -23.02
N ASP C 75 6.58 -26.76 -23.79
CA ASP C 75 6.66 -25.85 -24.97
C ASP C 75 6.60 -24.41 -24.45
N MET C 76 6.25 -24.25 -23.20
CA MET C 76 6.24 -22.92 -22.57
C MET C 76 7.70 -22.65 -22.23
N HIS C 77 8.23 -21.49 -22.65
CA HIS C 77 9.61 -21.19 -22.30
C HIS C 77 10.01 -19.72 -22.31
N ILE C 78 11.18 -19.48 -21.72
CA ILE C 78 11.78 -18.15 -21.72
C ILE C 78 12.89 -18.04 -22.76
N GLN C 79 12.92 -16.92 -23.48
CA GLN C 79 14.03 -16.55 -24.36
C GLN C 79 14.66 -15.26 -23.80
N GLY C 80 15.95 -15.14 -24.01
CA GLY C 80 16.75 -14.02 -23.54
C GLY C 80 17.85 -14.36 -22.54
N LEU C 81 17.96 -15.62 -22.13
CA LEU C 81 19.08 -16.12 -21.37
C LEU C 81 20.13 -16.86 -22.26
N GLN C 82 21.19 -17.41 -21.66
CA GLN C 82 22.26 -18.11 -22.44
C GLN C 82 21.74 -19.33 -23.15
N SER C 83 20.86 -20.03 -22.48
CA SER C 83 20.14 -21.21 -23.03
C SER C 83 18.63 -20.94 -23.01
N ARG C 84 17.89 -21.77 -23.73
CA ARG C 84 16.42 -21.85 -23.57
C ARG C 84 16.11 -22.53 -22.24
N TYR C 85 15.17 -21.96 -21.46
CA TYR C 85 14.62 -22.57 -20.22
C TYR C 85 13.13 -22.83 -20.44
N SER C 86 12.69 -24.05 -20.19
CA SER C 86 11.34 -24.58 -20.50
C SER C 86 10.57 -24.77 -19.20
N ALA C 87 9.26 -24.44 -19.16
CA ALA C 87 8.48 -24.49 -17.91
C ALA C 87 8.32 -25.93 -17.43
N THR C 88 8.20 -26.12 -16.12
CA THR C 88 7.85 -27.44 -15.52
C THR C 88 6.70 -27.31 -14.52
N GLN C 89 6.60 -26.24 -13.74
CA GLN C 89 5.49 -26.05 -12.78
C GLN C 89 5.52 -24.63 -12.25
N LEU C 90 4.38 -24.18 -11.72
CA LEU C 90 4.36 -23.01 -10.82
C LEU C 90 3.75 -23.40 -9.47
N HIS C 91 3.93 -22.56 -8.47
CA HIS C 91 3.46 -22.81 -7.08
C HIS C 91 3.55 -21.50 -6.31
N LEU C 92 3.04 -21.48 -5.10
CA LEU C 92 3.06 -20.23 -4.28
C LEU C 92 3.60 -20.48 -2.87
N HIS C 93 3.87 -19.38 -2.21
CA HIS C 93 4.30 -19.32 -0.80
C HIS C 93 3.48 -18.23 -0.13
N TRP C 94 3.02 -18.48 1.08
CA TRP C 94 2.19 -17.46 1.78
C TRP C 94 2.34 -17.58 3.30
N GLY C 95 1.70 -16.65 4.00
CA GLY C 95 1.74 -16.51 5.47
C GLY C 95 0.51 -17.08 6.14
N ASN C 96 -0.14 -16.30 6.98
CA ASN C 96 -1.32 -16.76 7.76
C ASN C 96 -2.21 -15.54 7.99
N PRO C 97 -3.51 -15.74 8.31
CA PRO C 97 -4.41 -14.61 8.53
C PRO C 97 -3.95 -13.60 9.60
N ASN C 98 -3.28 -14.04 10.65
CA ASN C 98 -2.86 -13.14 11.78
C ASN C 98 -1.63 -12.31 11.40
N ASP C 99 -0.84 -12.78 10.44
CA ASP C 99 0.36 -12.07 9.95
C ASP C 99 0.47 -12.35 8.46
N PRO C 100 -0.26 -11.61 7.59
CA PRO C 100 -0.35 -11.96 6.18
C PRO C 100 0.85 -11.41 5.40
N HIS C 101 2.02 -11.91 5.76
CA HIS C 101 3.31 -11.52 5.12
C HIS C 101 4.10 -12.81 4.85
N GLY C 102 3.91 -13.46 3.70
CA GLY C 102 4.49 -14.80 3.43
C GLY C 102 5.26 -14.89 2.14
N SER C 103 5.78 -13.78 1.58
CA SER C 103 6.71 -13.85 0.41
C SER C 103 8.05 -14.42 0.90
N GLU C 104 8.83 -15.00 0.00
CA GLU C 104 10.18 -15.54 0.34
C GLU C 104 11.20 -14.43 0.21
N HIS C 105 11.34 -13.89 -0.98
CA HIS C 105 12.16 -12.68 -1.18
C HIS C 105 11.52 -11.49 -0.48
N THR C 106 12.37 -10.61 0.03
CA THR C 106 11.99 -9.29 0.58
C THR C 106 12.73 -8.19 -0.21
N VAL C 107 12.17 -6.98 -0.13
CA VAL C 107 12.72 -5.73 -0.73
C VAL C 107 12.87 -4.68 0.38
N SER C 108 14.11 -4.30 0.68
CA SER C 108 14.44 -3.27 1.69
C SER C 108 13.77 -3.65 2.99
N GLY C 109 13.76 -4.95 3.26
CA GLY C 109 13.23 -5.53 4.50
C GLY C 109 11.75 -5.86 4.45
N GLN C 110 11.02 -5.37 3.44
CA GLN C 110 9.54 -5.50 3.29
C GLN C 110 9.22 -6.92 2.80
N HIS C 111 8.48 -7.63 3.65
CA HIS C 111 7.82 -8.92 3.37
C HIS C 111 6.52 -8.61 2.62
N PHE C 112 6.31 -9.15 1.41
CA PHE C 112 5.01 -9.08 0.69
C PHE C 112 4.06 -10.19 1.15
N ALA C 113 2.79 -10.14 0.72
CA ALA C 113 1.73 -11.04 1.24
C ALA C 113 2.09 -12.46 0.84
N ALA C 114 2.58 -12.62 -0.40
CA ALA C 114 2.85 -13.95 -0.97
C ALA C 114 3.83 -13.86 -2.14
N GLU C 115 4.15 -15.00 -2.74
CA GLU C 115 5.08 -15.03 -3.88
C GLU C 115 4.72 -16.21 -4.77
N LEU C 116 4.70 -15.95 -6.07
CA LEU C 116 4.56 -16.97 -7.13
C LEU C 116 5.93 -17.27 -7.71
N HIS C 117 6.20 -18.56 -7.87
CA HIS C 117 7.39 -19.12 -8.54
C HIS C 117 6.97 -19.88 -9.79
N ILE C 118 7.50 -19.47 -10.95
CA ILE C 118 7.34 -20.23 -12.22
C ILE C 118 8.71 -20.88 -12.50
N VAL C 119 8.79 -22.19 -12.29
CA VAL C 119 10.02 -23.02 -12.32
C VAL C 119 10.21 -23.45 -13.77
N HIS C 120 11.39 -23.17 -14.33
CA HIS C 120 11.86 -23.60 -15.66
C HIS C 120 13.17 -24.39 -15.54
N TYR C 121 13.46 -25.32 -16.46
CA TYR C 121 14.75 -26.05 -16.53
C TYR C 121 15.47 -25.75 -17.86
N ASN C 122 16.80 -25.99 -17.89
CA ASN C 122 17.63 -25.77 -19.10
C ASN C 122 17.41 -26.96 -20.02
N SER C 123 16.51 -26.79 -21.00
CA SER C 123 16.08 -27.84 -21.95
C SER C 123 17.10 -27.95 -23.09
N ASP C 124 17.98 -26.94 -23.29
CA ASP C 124 19.10 -27.05 -24.27
C ASP C 124 20.13 -28.09 -23.81
N LEU C 125 20.46 -28.08 -22.53
CA LEU C 125 21.53 -28.93 -21.92
C LEU C 125 20.93 -30.20 -21.30
N TYR C 126 19.67 -30.21 -20.86
CA TYR C 126 19.10 -31.35 -20.09
C TYR C 126 17.76 -31.85 -20.62
N PRO C 127 17.49 -33.17 -20.53
CA PRO C 127 16.27 -33.79 -21.03
C PRO C 127 15.00 -33.50 -20.22
N ASP C 128 15.11 -33.43 -18.89
CA ASP C 128 13.98 -33.14 -17.98
C ASP C 128 14.45 -32.23 -16.84
N ALA C 129 13.49 -31.63 -16.13
CA ALA C 129 13.67 -30.73 -14.97
C ALA C 129 14.33 -31.49 -13.83
N SER C 130 13.93 -32.75 -13.60
CA SER C 130 14.47 -33.62 -12.52
C SER C 130 15.99 -33.70 -12.71
N THR C 131 16.41 -34.16 -13.89
CA THR C 131 17.83 -34.24 -14.32
C THR C 131 18.47 -32.85 -14.15
N ALA C 132 17.81 -31.76 -14.53
CA ALA C 132 18.42 -30.40 -14.54
C ALA C 132 18.65 -29.86 -13.11
N SER C 133 17.83 -30.30 -12.14
CA SER C 133 17.68 -29.67 -10.80
C SER C 133 18.99 -29.67 -10.01
N ASN C 134 19.85 -30.67 -10.20
CA ASN C 134 21.12 -30.72 -9.45
C ASN C 134 22.31 -30.50 -10.42
N LYS C 135 22.14 -29.66 -11.45
CA LYS C 135 23.19 -29.37 -12.46
C LYS C 135 23.43 -27.87 -12.57
N SER C 136 24.69 -27.50 -12.83
CA SER C 136 25.12 -26.14 -13.22
C SER C 136 24.09 -25.57 -14.19
N GLU C 137 23.67 -24.33 -13.94
CA GLU C 137 22.60 -23.59 -14.66
C GLU C 137 21.45 -24.52 -15.05
N GLY C 138 21.00 -25.36 -14.12
CA GLY C 138 19.94 -26.34 -14.41
C GLY C 138 18.56 -25.69 -14.43
N LEU C 139 18.33 -24.70 -13.56
CA LEU C 139 16.97 -24.17 -13.32
C LEU C 139 16.99 -22.66 -13.42
N ALA C 140 15.89 -22.06 -13.88
CA ALA C 140 15.60 -20.61 -13.83
C ALA C 140 14.21 -20.46 -13.26
N VAL C 141 14.05 -19.55 -12.29
CA VAL C 141 12.73 -19.31 -11.67
C VAL C 141 12.38 -17.84 -11.92
N LEU C 142 11.14 -17.61 -12.35
CA LEU C 142 10.50 -16.26 -12.36
C LEU C 142 9.73 -16.11 -11.07
N ALA C 143 10.04 -15.08 -10.30
CA ALA C 143 9.40 -14.84 -8.99
C ALA C 143 8.53 -13.58 -9.10
N VAL C 144 7.26 -13.68 -8.74
CA VAL C 144 6.30 -12.54 -8.69
C VAL C 144 5.90 -12.28 -7.24
N LEU C 145 6.12 -11.05 -6.81
CA LEU C 145 5.77 -10.61 -5.43
C LEU C 145 4.30 -10.26 -5.42
N ILE C 146 3.54 -10.70 -4.42
CA ILE C 146 2.06 -10.49 -4.37
C ILE C 146 1.74 -9.66 -3.13
N GLU C 147 1.04 -8.55 -3.34
CA GLU C 147 0.53 -7.69 -2.23
C GLU C 147 -1.01 -7.73 -2.20
N MET C 148 -1.60 -7.44 -1.05
CA MET C 148 -3.09 -7.37 -0.89
C MET C 148 -3.57 -6.09 -1.55
N GLY C 149 -4.63 -6.21 -2.36
CA GLY C 149 -5.29 -5.03 -2.94
C GLY C 149 -6.48 -5.46 -3.79
N SER C 150 -6.43 -5.14 -5.07
CA SER C 150 -7.48 -5.49 -6.06
C SER C 150 -7.57 -7.00 -6.23
N PHE C 151 -8.81 -7.51 -6.26
CA PHE C 151 -9.16 -8.83 -6.86
C PHE C 151 -8.37 -9.02 -8.17
N ASN C 152 -7.79 -10.21 -8.37
CA ASN C 152 -6.99 -10.55 -9.58
C ASN C 152 -7.73 -11.67 -10.32
N PRO C 153 -8.47 -11.36 -11.42
CA PRO C 153 -9.14 -12.38 -12.22
C PRO C 153 -8.24 -13.55 -12.64
N SER C 154 -7.02 -13.25 -13.11
CA SER C 154 -6.03 -14.23 -13.63
C SER C 154 -5.59 -15.17 -12.51
N TYR C 155 -5.27 -14.68 -11.32
CA TYR C 155 -4.91 -15.55 -10.17
C TYR C 155 -6.11 -16.40 -9.79
N ASP C 156 -7.32 -15.86 -9.92
CA ASP C 156 -8.51 -16.64 -9.54
C ASP C 156 -8.73 -17.80 -10.52
N LYS C 157 -8.13 -17.76 -11.72
CA LYS C 157 -8.20 -18.95 -12.61
C LYS C 157 -7.57 -20.15 -11.89
N ILE C 158 -6.63 -19.92 -10.95
CA ILE C 158 -6.09 -21.00 -10.07
C ILE C 158 -6.92 -21.13 -8.79
N PHE C 159 -7.12 -20.03 -8.06
CA PHE C 159 -7.64 -20.07 -6.66
C PHE C 159 -9.08 -20.63 -6.63
N SER C 160 -9.83 -20.48 -7.72
CA SER C 160 -11.23 -20.98 -7.80
C SER C 160 -11.25 -22.52 -7.72
N HIS C 161 -10.11 -23.21 -7.88
CA HIS C 161 -10.02 -24.70 -7.79
C HIS C 161 -9.46 -25.19 -6.44
N LEU C 162 -9.11 -24.30 -5.50
CA LEU C 162 -8.50 -24.67 -4.19
C LEU C 162 -9.38 -25.64 -3.40
N GLN C 163 -10.69 -25.50 -3.46
CA GLN C 163 -11.60 -26.34 -2.63
C GLN C 163 -11.56 -27.78 -3.14
N HIS C 164 -11.02 -28.03 -4.33
CA HIS C 164 -10.78 -29.39 -4.87
C HIS C 164 -9.41 -29.95 -4.52
N VAL C 165 -8.53 -29.17 -3.89
CA VAL C 165 -7.17 -29.65 -3.45
C VAL C 165 -6.99 -29.26 -1.99
N LYS C 166 -8.01 -29.46 -1.15
CA LYS C 166 -7.95 -29.10 0.30
C LYS C 166 -6.83 -29.87 1.01
N TYR C 167 -6.61 -31.14 0.66
CA TYR C 167 -5.77 -32.08 1.45
C TYR C 167 -4.66 -32.68 0.60
N LYS C 168 -3.60 -33.10 1.29
CA LYS C 168 -2.36 -33.59 0.65
C LYS C 168 -2.75 -34.71 -0.32
N GLY C 169 -2.22 -34.64 -1.53
CA GLY C 169 -2.34 -35.72 -2.53
C GLY C 169 -3.59 -35.58 -3.38
N GLN C 170 -4.44 -34.60 -3.07
CA GLN C 170 -5.62 -34.28 -3.91
C GLN C 170 -5.21 -33.49 -5.14
N GLU C 171 -6.00 -33.64 -6.20
CA GLU C 171 -5.72 -33.11 -7.54
C GLU C 171 -6.98 -32.46 -8.11
N ALA C 172 -6.80 -31.48 -8.99
CA ALA C 172 -7.87 -30.86 -9.80
C ALA C 172 -7.25 -30.49 -11.14
N PHE C 173 -8.08 -30.19 -12.11
CA PHE C 173 -7.63 -29.73 -13.44
C PHE C 173 -8.09 -28.29 -13.60
N VAL C 174 -7.19 -27.46 -14.13
CA VAL C 174 -7.38 -26.03 -14.40
C VAL C 174 -7.32 -25.90 -15.91
N PRO C 175 -8.36 -25.31 -16.55
CA PRO C 175 -8.26 -24.98 -17.98
C PRO C 175 -7.07 -24.05 -18.24
N GLY C 176 -6.42 -24.21 -19.40
CA GLY C 176 -5.38 -23.31 -19.92
C GLY C 176 -5.80 -21.86 -19.91
N PHE C 177 -4.94 -20.96 -19.45
CA PHE C 177 -5.09 -19.49 -19.60
C PHE C 177 -3.72 -18.87 -19.90
N ASN C 178 -3.68 -17.55 -20.05
CA ASN C 178 -2.43 -16.83 -20.37
C ASN C 178 -1.64 -16.65 -19.07
N ILE C 179 -0.58 -17.44 -18.86
CA ILE C 179 0.27 -17.37 -17.62
C ILE C 179 0.94 -15.99 -17.57
N GLU C 180 1.14 -15.33 -18.72
CA GLU C 180 1.71 -13.96 -18.74
C GLU C 180 0.83 -12.98 -17.93
N GLU C 181 -0.47 -13.28 -17.78
CA GLU C 181 -1.44 -12.49 -16.97
C GLU C 181 -1.08 -12.51 -15.47
N LEU C 182 -0.27 -13.48 -15.02
CA LEU C 182 0.14 -13.57 -13.60
C LEU C 182 1.35 -12.65 -13.33
N LEU C 183 1.99 -12.13 -14.39
CA LEU C 183 3.22 -11.31 -14.33
C LEU C 183 2.83 -9.85 -14.15
N PRO C 184 3.68 -9.10 -13.43
CA PRO C 184 3.38 -7.71 -13.15
C PRO C 184 3.62 -6.85 -14.40
N GLU C 185 3.46 -5.54 -14.19
CA GLU C 185 3.81 -4.46 -15.15
C GLU C 185 5.34 -4.38 -15.31
N ARG C 186 5.78 -3.85 -16.45
CA ARG C 186 7.20 -3.54 -16.76
C ARG C 186 8.05 -4.76 -16.37
N THR C 187 7.76 -5.93 -16.96
CA THR C 187 8.54 -7.19 -16.72
C THR C 187 10.03 -7.00 -17.07
N ALA C 188 10.38 -6.05 -17.94
CA ALA C 188 11.77 -5.69 -18.32
C ALA C 188 12.58 -5.25 -17.08
N GLU C 189 11.91 -4.81 -16.00
CA GLU C 189 12.54 -4.39 -14.72
C GLU C 189 12.57 -5.56 -13.72
N TYR C 190 13.75 -6.06 -13.40
CA TYR C 190 13.87 -7.25 -12.51
C TYR C 190 15.22 -7.27 -11.82
N TYR C 191 15.28 -8.05 -10.74
CA TYR C 191 16.50 -8.43 -10.00
C TYR C 191 16.97 -9.77 -10.53
N ARG C 192 18.28 -10.01 -10.62
CA ARG C 192 18.84 -11.27 -11.20
C ARG C 192 20.02 -11.73 -10.34
N TYR C 193 19.99 -12.94 -9.82
CA TYR C 193 21.16 -13.47 -9.06
C TYR C 193 21.18 -14.98 -9.08
N ARG C 194 22.33 -15.56 -8.74
CA ARG C 194 22.50 -17.04 -8.72
C ARG C 194 22.14 -17.48 -7.32
N GLY C 195 21.26 -18.47 -7.20
CA GLY C 195 20.76 -18.94 -5.90
C GLY C 195 20.42 -20.40 -5.95
N SER C 196 19.45 -20.80 -5.13
CA SER C 196 19.11 -22.21 -4.86
C SER C 196 17.58 -22.42 -4.92
N LEU C 197 17.11 -23.67 -4.91
CA LEU C 197 15.76 -24.06 -4.44
C LEU C 197 15.57 -23.47 -3.03
N THR C 198 14.45 -22.81 -2.75
CA THR C 198 14.12 -22.27 -1.40
C THR C 198 13.56 -23.41 -0.53
N THR C 199 13.41 -24.60 -1.09
CA THR C 199 12.88 -25.78 -0.35
C THR C 199 13.94 -26.86 -0.46
N PRO C 200 13.91 -27.86 0.44
CA PRO C 200 14.69 -29.08 0.22
C PRO C 200 14.47 -29.56 -1.21
N PRO C 201 15.48 -30.15 -1.89
CA PRO C 201 16.82 -30.35 -1.30
C PRO C 201 17.80 -29.14 -1.38
N CYS C 202 17.31 -27.95 -1.72
CA CYS C 202 18.04 -26.65 -1.63
C CYS C 202 19.21 -26.61 -2.64
N ASN C 203 19.14 -27.32 -3.77
CA ASN C 203 20.26 -27.40 -4.74
C ASN C 203 20.62 -25.98 -5.14
N PRO C 204 21.94 -25.60 -5.14
CA PRO C 204 22.36 -24.27 -5.59
C PRO C 204 22.43 -24.15 -7.12
N THR C 205 21.31 -24.38 -7.82
CA THR C 205 21.29 -24.56 -9.29
C THR C 205 20.30 -23.61 -9.96
N VAL C 206 19.91 -22.51 -9.30
CA VAL C 206 18.79 -21.67 -9.80
C VAL C 206 19.30 -20.31 -10.21
N LEU C 207 19.01 -19.93 -11.44
CA LEU C 207 19.13 -18.53 -11.90
C LEU C 207 17.81 -17.85 -11.60
N TRP C 208 17.83 -16.91 -10.65
CA TRP C 208 16.63 -16.20 -10.13
C TRP C 208 16.40 -14.97 -10.98
N THR C 209 15.13 -14.79 -11.37
CA THR C 209 14.61 -13.50 -11.87
C THR C 209 13.42 -13.08 -10.98
N VAL C 210 13.55 -11.93 -10.29
CA VAL C 210 12.53 -11.46 -9.32
C VAL C 210 12.03 -10.14 -9.89
N PHE C 211 10.77 -10.07 -10.30
CA PHE C 211 10.28 -8.90 -11.04
C PHE C 211 10.23 -7.79 -10.01
N ARG C 212 10.61 -6.59 -10.41
CA ARG C 212 10.67 -5.43 -9.49
C ARG C 212 9.26 -5.12 -8.96
N ASN C 213 8.24 -5.13 -9.80
CA ASN C 213 6.85 -4.66 -9.51
C ASN C 213 5.99 -5.80 -8.97
N PRO C 214 5.30 -5.64 -7.83
CA PRO C 214 4.35 -6.64 -7.35
C PRO C 214 3.03 -6.58 -8.15
N VAL C 215 2.27 -7.68 -8.11
CA VAL C 215 0.85 -7.75 -8.53
C VAL C 215 -0.02 -7.71 -7.25
N GLN C 216 -1.33 -7.46 -7.43
CA GLN C 216 -2.31 -7.48 -6.32
C GLN C 216 -3.30 -8.63 -6.51
N ILE C 217 -3.68 -9.28 -5.42
CA ILE C 217 -4.89 -10.11 -5.25
C ILE C 217 -5.69 -9.54 -4.09
N SER C 218 -6.95 -9.96 -3.93
CA SER C 218 -7.84 -9.35 -2.90
C SER C 218 -7.53 -9.96 -1.52
N GLN C 219 -7.87 -9.20 -0.47
CA GLN C 219 -8.06 -9.71 0.91
C GLN C 219 -8.68 -11.11 0.90
N GLU C 220 -9.80 -11.31 0.19
CA GLU C 220 -10.51 -12.61 0.22
C GLU C 220 -9.73 -13.66 -0.54
N GLN C 221 -9.11 -13.33 -1.68
CA GLN C 221 -8.26 -14.30 -2.43
C GLN C 221 -7.08 -14.71 -1.52
N LEU C 222 -6.43 -13.77 -0.83
CA LEU C 222 -5.36 -14.09 0.14
C LEU C 222 -5.89 -14.99 1.28
N LEU C 223 -7.05 -14.65 1.82
CA LEU C 223 -7.64 -15.39 2.96
C LEU C 223 -7.95 -16.82 2.51
N ALA C 224 -8.42 -17.00 1.29
CA ALA C 224 -8.76 -18.34 0.72
C ALA C 224 -7.48 -19.18 0.70
N LEU C 225 -6.43 -18.57 0.18
CA LEU C 225 -5.14 -19.24 0.01
C LEU C 225 -4.60 -19.64 1.40
N GLU C 226 -4.84 -18.81 2.42
CA GLU C 226 -4.29 -18.97 3.79
C GLU C 226 -5.08 -19.98 4.64
N THR C 227 -6.30 -20.39 4.24
CA THR C 227 -7.25 -21.13 5.15
C THR C 227 -7.79 -22.38 4.46
N ALA C 228 -7.70 -22.44 3.14
CA ALA C 228 -8.36 -23.47 2.29
C ALA C 228 -7.63 -24.80 2.42
N LEU C 229 -6.33 -24.81 2.73
CA LEU C 229 -5.45 -25.95 2.41
C LEU C 229 -4.81 -26.54 3.68
N TYR C 230 -4.63 -27.85 3.69
CA TYR C 230 -4.08 -28.61 4.84
C TYR C 230 -2.86 -29.35 4.31
N CYS C 231 -1.76 -29.42 5.06
CA CYS C 231 -0.57 -30.21 4.62
C CYS C 231 -0.79 -31.69 4.99
N THR C 232 -1.95 -32.05 5.55
CA THR C 232 -2.31 -33.44 5.99
C THR C 232 -3.33 -34.11 5.03
N HIS C 233 -3.29 -35.45 4.94
CA HIS C 233 -4.26 -36.31 4.20
C HIS C 233 -5.68 -36.11 4.75
N MET C 234 -6.70 -36.35 3.93
CA MET C 234 -8.14 -36.10 4.21
C MET C 234 -8.60 -36.85 5.48
N ASP C 235 -8.02 -38.03 5.76
CA ASP C 235 -8.49 -38.92 6.85
C ASP C 235 -7.71 -38.66 8.14
N ASP C 236 -7.01 -37.52 8.23
CA ASP C 236 -6.11 -37.24 9.38
C ASP C 236 -6.99 -36.76 10.53
N PRO C 237 -7.04 -37.50 11.66
CA PRO C 237 -7.70 -37.02 12.87
C PRO C 237 -7.15 -35.68 13.40
N SER C 238 -5.87 -35.37 13.11
CA SER C 238 -5.17 -34.11 13.50
C SER C 238 -4.81 -33.28 12.26
N PRO C 239 -5.77 -32.50 11.71
CA PRO C 239 -5.53 -31.74 10.48
C PRO C 239 -4.64 -30.51 10.75
N ARG C 240 -3.55 -30.35 9.98
CA ARG C 240 -2.56 -29.26 10.11
C ARG C 240 -2.73 -28.31 8.93
N GLU C 241 -2.96 -27.03 9.22
CA GLU C 241 -3.24 -25.98 8.21
C GLU C 241 -1.96 -25.74 7.42
N MET C 242 -2.05 -25.53 6.10
CA MET C 242 -0.85 -25.16 5.28
C MET C 242 -0.72 -23.64 5.32
N ILE C 243 0.06 -23.15 6.27
CA ILE C 243 0.32 -21.69 6.45
C ILE C 243 1.83 -21.47 6.57
N ASN C 244 2.29 -20.22 6.39
CA ASN C 244 3.70 -19.86 6.68
C ASN C 244 4.62 -20.85 5.93
N ASN C 245 4.31 -21.15 4.65
CA ASN C 245 5.14 -22.05 3.80
C ASN C 245 6.16 -21.24 2.99
N PHE C 246 6.92 -20.38 3.69
CA PHE C 246 8.04 -19.59 3.12
C PHE C 246 9.28 -19.79 4.00
N ARG C 247 10.44 -19.68 3.36
CA ARG C 247 11.75 -19.78 4.04
C ARG C 247 12.15 -18.37 4.48
N GLN C 248 12.76 -18.23 5.64
CA GLN C 248 13.42 -16.96 6.07
C GLN C 248 14.53 -16.58 5.08
N VAL C 249 14.84 -15.28 4.94
CA VAL C 249 15.95 -14.83 4.05
C VAL C 249 17.29 -15.36 4.59
N GLN C 250 18.19 -15.62 3.66
CA GLN C 250 19.55 -16.22 3.91
C GLN C 250 20.62 -15.12 3.90
N LYS C 251 21.75 -15.35 4.59
CA LYS C 251 22.99 -14.55 4.41
C LYS C 251 23.34 -14.54 2.94
N PHE C 252 23.74 -13.39 2.44
CA PHE C 252 24.15 -13.15 1.04
C PHE C 252 25.48 -12.41 1.10
N ASP C 253 26.57 -13.19 1.31
CA ASP C 253 27.92 -12.64 1.63
C ASP C 253 28.79 -12.82 0.37
N GLU C 254 29.45 -11.73 -0.03
CA GLU C 254 30.38 -11.64 -1.20
C GLU C 254 29.60 -11.63 -2.52
N ARG C 255 28.31 -12.00 -2.52
CA ARG C 255 27.49 -12.12 -3.76
C ARG C 255 26.99 -10.72 -4.18
N LEU C 256 26.58 -10.58 -5.44
CA LEU C 256 25.90 -9.38 -5.97
C LEU C 256 24.56 -9.79 -6.64
N VAL C 257 23.58 -8.91 -6.49
CA VAL C 257 22.31 -8.94 -7.25
C VAL C 257 22.40 -7.88 -8.36
N TYR C 258 22.16 -8.28 -9.59
CA TYR C 258 22.16 -7.36 -10.77
C TYR C 258 20.73 -6.92 -11.02
N THR C 259 20.53 -5.64 -11.31
CA THR C 259 19.22 -5.08 -11.67
C THR C 259 19.24 -4.66 -13.15
N SER C 260 18.13 -4.85 -13.84
CA SER C 260 17.91 -4.36 -15.22
C SER C 260 17.33 -2.94 -15.21
N PHE C 261 17.17 -2.34 -14.05
CA PHE C 261 16.71 -0.94 -13.86
C PHE C 261 17.75 -0.21 -13.00
N SER C 262 17.82 1.11 -13.09
CA SER C 262 18.88 1.92 -12.42
C SER C 262 18.26 2.69 -11.24
N LYS D 3 31.56 -26.87 17.80
CA LYS D 3 32.25 -25.78 17.01
C LYS D 3 31.32 -25.28 15.89
N TRP D 4 31.24 -23.97 15.73
CA TRP D 4 30.20 -23.29 14.95
C TRP D 4 30.73 -21.94 14.43
N THR D 5 30.24 -21.52 13.27
CA THR D 5 30.60 -20.23 12.65
C THR D 5 29.31 -19.51 12.24
N TYR D 6 29.46 -18.33 11.66
CA TYR D 6 28.36 -17.61 10.96
C TYR D 6 28.55 -17.66 9.44
N PHE D 7 29.42 -18.52 8.91
CA PHE D 7 29.60 -18.61 7.44
C PHE D 7 29.89 -20.06 7.05
N GLY D 8 29.61 -20.42 5.79
CA GLY D 8 29.99 -21.70 5.16
C GLY D 8 29.43 -22.89 5.94
N PRO D 9 30.12 -24.06 5.93
CA PRO D 9 29.51 -25.33 6.36
C PRO D 9 29.00 -25.43 7.81
N ASP D 10 29.59 -24.71 8.78
CA ASP D 10 29.26 -24.82 10.23
C ASP D 10 28.49 -23.56 10.69
N GLY D 11 28.04 -22.77 9.70
CA GLY D 11 27.09 -21.64 9.80
C GLY D 11 25.70 -22.03 10.32
N GLU D 12 24.84 -21.04 10.45
CA GLU D 12 23.62 -21.11 11.29
C GLU D 12 22.60 -22.14 10.80
N ASN D 13 22.47 -22.39 9.49
CA ASN D 13 21.53 -23.47 9.03
C ASN D 13 21.99 -24.85 9.52
N SER D 14 23.26 -24.99 9.95
CA SER D 14 23.83 -26.30 10.36
C SER D 14 23.97 -26.38 11.88
N TRP D 15 23.74 -25.30 12.63
CA TRP D 15 23.92 -25.32 14.11
C TRP D 15 23.15 -26.48 14.76
N SER D 16 21.94 -26.75 14.28
CA SER D 16 21.05 -27.78 14.89
C SER D 16 21.66 -29.18 14.79
N LYS D 17 22.61 -29.43 13.88
CA LYS D 17 23.27 -30.76 13.78
C LYS D 17 23.90 -31.09 15.14
N LYS D 18 24.51 -30.07 15.80
CA LYS D 18 25.31 -30.27 17.04
C LYS D 18 24.64 -29.58 18.23
N TYR D 19 23.76 -28.60 18.01
CA TYR D 19 23.03 -27.88 19.08
C TYR D 19 21.52 -27.94 18.84
N PRO D 20 20.83 -29.01 19.33
CA PRO D 20 19.43 -29.24 18.97
C PRO D 20 18.49 -28.07 19.26
N SER D 21 18.77 -27.29 20.29
CA SER D 21 17.89 -26.17 20.70
C SER D 21 17.87 -25.11 19.59
N CYS D 22 18.90 -25.07 18.75
CA CYS D 22 18.97 -24.10 17.64
C CYS D 22 17.85 -24.32 16.59
N GLY D 23 17.27 -25.53 16.55
CA GLY D 23 16.08 -25.82 15.73
C GLY D 23 14.86 -26.13 16.59
N GLY D 24 14.84 -25.64 17.82
CA GLY D 24 13.77 -25.86 18.82
C GLY D 24 12.90 -24.63 18.97
N LEU D 25 12.21 -24.53 20.09
CA LEU D 25 11.21 -23.48 20.39
C LEU D 25 11.87 -22.16 20.82
N LEU D 26 11.08 -21.07 20.74
CA LEU D 26 11.34 -19.72 21.33
C LEU D 26 12.68 -19.16 20.84
N GLN D 27 13.02 -19.38 19.56
CA GLN D 27 14.30 -18.90 18.98
C GLN D 27 14.30 -17.39 18.71
N SER D 28 15.45 -16.77 19.01
CA SER D 28 15.82 -15.36 18.75
C SER D 28 16.95 -15.33 17.74
N PRO D 29 17.17 -14.23 17.00
CA PRO D 29 16.39 -13.00 17.15
C PRO D 29 15.11 -12.99 16.27
N ILE D 30 14.38 -11.88 16.29
CA ILE D 30 13.09 -11.75 15.53
C ILE D 30 12.97 -10.37 14.88
N ASP D 31 12.02 -10.26 13.92
CA ASP D 31 11.64 -8.96 13.31
C ASP D 31 10.51 -8.38 14.14
N LEU D 32 10.69 -7.18 14.62
CA LEU D 32 9.68 -6.46 15.40
C LEU D 32 8.87 -5.65 14.40
N HIS D 33 7.69 -6.19 14.05
CA HIS D 33 6.69 -5.56 13.13
C HIS D 33 5.28 -5.55 13.74
N SER D 34 4.44 -4.57 13.35
CA SER D 34 3.16 -4.21 14.03
C SER D 34 2.22 -5.41 14.18
N ASP D 35 2.15 -6.32 13.21
CA ASP D 35 1.21 -7.46 13.27
C ASP D 35 1.45 -8.32 14.53
N ILE D 36 2.64 -8.31 15.15
CA ILE D 36 2.90 -9.22 16.32
C ILE D 36 3.20 -8.42 17.60
N LEU D 37 2.94 -7.11 17.58
CA LEU D 37 3.13 -6.18 18.74
C LEU D 37 1.79 -6.04 19.47
N GLN D 38 1.85 -6.07 20.81
CA GLN D 38 0.71 -5.79 21.72
C GLN D 38 1.21 -4.85 22.84
N TYR D 39 0.58 -3.68 22.99
CA TYR D 39 0.88 -2.76 24.10
C TYR D 39 0.43 -3.44 25.39
N ASP D 40 1.26 -3.32 26.43
CA ASP D 40 0.99 -3.85 27.78
C ASP D 40 1.29 -2.71 28.73
N ALA D 41 0.24 -2.02 29.16
CA ALA D 41 0.29 -0.89 30.11
C ALA D 41 0.89 -1.27 31.47
N SER D 42 1.00 -2.53 31.85
CA SER D 42 1.56 -2.96 33.17
C SER D 42 3.09 -3.02 33.15
N LEU D 43 3.72 -2.93 31.97
CA LEU D 43 5.20 -3.04 31.83
C LEU D 43 5.85 -1.79 32.42
N THR D 44 6.74 -1.96 33.38
CA THR D 44 7.37 -0.85 34.14
C THR D 44 8.75 -0.56 33.57
N PRO D 45 9.24 0.69 33.75
CA PRO D 45 10.60 1.05 33.32
C PRO D 45 11.61 0.21 34.10
N LEU D 46 12.63 -0.32 33.44
CA LEU D 46 13.75 -0.96 34.18
C LEU D 46 14.60 0.13 34.86
N GLU D 47 15.20 -0.25 36.00
CA GLU D 47 16.17 0.56 36.77
C GLU D 47 17.51 -0.20 36.70
N PHE D 48 18.58 0.52 36.37
CA PHE D 48 19.94 -0.01 36.15
C PHE D 48 20.80 0.34 37.36
N GLN D 49 21.20 -0.67 38.11
CA GLN D 49 21.77 -0.57 39.47
C GLN D 49 23.22 -1.08 39.46
N GLY D 50 24.15 -0.26 39.97
CA GLY D 50 25.60 -0.57 40.02
C GLY D 50 26.18 -0.66 38.62
N TYR D 51 25.63 0.09 37.66
CA TYR D 51 26.09 0.13 36.25
C TYR D 51 27.29 1.07 36.15
N ASN D 52 27.46 1.99 37.12
CA ASN D 52 28.55 2.98 37.16
C ASN D 52 29.79 2.30 37.76
N LEU D 53 30.54 1.55 36.94
CA LEU D 53 31.70 0.71 37.39
C LEU D 53 32.86 1.62 37.78
N SER D 54 33.46 1.35 38.93
CA SER D 54 34.61 2.08 39.50
C SER D 54 35.75 2.14 38.46
N ALA D 55 36.25 3.34 38.17
CA ALA D 55 37.38 3.62 37.24
C ALA D 55 38.67 3.01 37.80
N ASN D 56 38.70 2.67 39.11
CA ASN D 56 39.85 2.03 39.81
C ASN D 56 39.79 0.50 39.71
N LYS D 57 38.67 -0.08 39.28
CA LYS D 57 38.56 -1.54 39.07
C LYS D 57 38.70 -1.77 37.57
N GLN D 58 38.88 -3.04 37.23
CA GLN D 58 39.25 -3.53 35.89
C GLN D 58 38.35 -4.67 35.52
N PHE D 59 38.06 -4.79 34.23
CA PHE D 59 37.07 -5.73 33.67
C PHE D 59 37.71 -6.37 32.45
N LEU D 60 37.63 -7.70 32.37
CA LEU D 60 38.35 -8.50 31.35
C LEU D 60 37.62 -8.43 30.02
N LEU D 61 38.27 -7.91 28.99
CA LEU D 61 37.85 -8.02 27.59
C LEU D 61 38.48 -9.27 26.98
N THR D 62 37.67 -10.12 26.34
CA THR D 62 38.12 -11.35 25.66
C THR D 62 37.55 -11.40 24.24
N ASN D 63 38.37 -11.86 23.30
CA ASN D 63 37.93 -12.39 21.99
C ASN D 63 37.68 -13.90 22.13
N ASN D 64 36.42 -14.36 22.08
CA ASN D 64 36.07 -15.79 22.37
C ASN D 64 35.88 -16.53 21.05
N GLY D 65 36.28 -15.88 19.95
CA GLY D 65 36.25 -16.40 18.57
C GLY D 65 34.92 -16.13 17.86
N HIS D 66 33.95 -15.56 18.56
CA HIS D 66 32.57 -15.32 18.04
C HIS D 66 32.19 -13.84 18.21
N SER D 67 32.70 -13.19 19.25
CA SER D 67 32.45 -11.75 19.50
C SER D 67 33.60 -11.26 20.35
N VAL D 68 33.56 -9.99 20.71
CA VAL D 68 34.36 -9.42 21.81
C VAL D 68 33.44 -9.21 23.00
N LYS D 69 33.76 -9.82 24.14
CA LYS D 69 32.88 -9.78 25.32
C LYS D 69 33.63 -9.11 26.48
N LEU D 70 32.90 -8.32 27.24
CA LEU D 70 33.39 -7.70 28.48
C LEU D 70 32.72 -8.41 29.66
N ASN D 71 33.51 -8.98 30.56
CA ASN D 71 33.02 -9.58 31.83
C ASN D 71 32.51 -8.43 32.72
N LEU D 72 31.34 -8.61 33.36
CA LEU D 72 30.74 -7.64 34.29
C LEU D 72 30.53 -8.31 35.63
N PRO D 73 30.51 -7.51 36.67
CA PRO D 73 30.34 -8.01 38.01
C PRO D 73 28.89 -8.23 38.38
N SER D 74 28.63 -9.20 39.27
CA SER D 74 27.31 -9.56 39.72
C SER D 74 26.62 -8.55 40.65
N ASP D 75 27.35 -7.55 41.12
CA ASP D 75 26.76 -6.45 41.86
C ASP D 75 25.98 -5.49 40.93
N MET D 76 26.26 -5.51 39.64
CA MET D 76 25.54 -4.77 38.65
C MET D 76 24.23 -5.52 38.37
N HIS D 77 23.08 -4.85 38.48
CA HIS D 77 21.83 -5.59 38.26
C HIS D 77 20.65 -4.78 37.75
N ILE D 78 19.60 -5.47 37.26
CA ILE D 78 18.35 -4.86 36.75
C ILE D 78 17.30 -4.92 37.87
N GLN D 79 16.61 -3.81 38.10
CA GLN D 79 15.48 -3.80 39.00
C GLN D 79 14.25 -3.55 38.11
N GLY D 80 13.16 -4.21 38.42
CA GLY D 80 11.97 -4.03 37.62
C GLY D 80 11.35 -5.25 37.01
N LEU D 81 12.07 -6.35 37.04
CA LEU D 81 11.54 -7.60 36.65
C LEU D 81 11.03 -8.32 37.95
N GLN D 82 10.50 -9.52 37.78
CA GLN D 82 9.87 -10.42 38.81
C GLN D 82 10.94 -10.91 39.78
N SER D 83 12.15 -11.04 39.27
CA SER D 83 13.34 -11.50 40.03
C SER D 83 14.43 -10.45 39.81
N ARG D 84 15.41 -10.37 40.72
CA ARG D 84 16.65 -9.61 40.42
C ARG D 84 17.45 -10.44 39.43
N TYR D 85 17.91 -9.77 38.36
CA TYR D 85 18.86 -10.31 37.37
C TYR D 85 20.19 -9.54 37.50
N SER D 86 21.28 -10.23 37.81
CA SER D 86 22.65 -9.68 38.00
C SER D 86 23.44 -9.80 36.69
N ALA D 87 24.19 -8.78 36.30
CA ALA D 87 25.02 -8.77 35.05
C ALA D 87 26.05 -9.92 35.03
N THR D 88 26.40 -10.44 33.85
CA THR D 88 27.51 -11.44 33.68
C THR D 88 28.52 -11.02 32.59
N GLN D 89 28.04 -10.46 31.47
CA GLN D 89 28.91 -10.01 30.35
C GLN D 89 28.07 -9.19 29.37
N LEU D 90 28.75 -8.37 28.56
CA LEU D 90 28.16 -7.75 27.37
C LEU D 90 29.02 -8.10 26.17
N HIS D 91 28.44 -8.00 24.97
CA HIS D 91 29.19 -8.32 23.72
C HIS D 91 28.44 -7.66 22.57
N LEU D 92 29.00 -7.74 21.36
CA LEU D 92 28.41 -7.07 20.20
C LEU D 92 28.23 -8.02 19.01
N HIS D 93 27.34 -7.62 18.10
CA HIS D 93 27.14 -8.32 16.79
C HIS D 93 27.23 -7.25 15.69
N TRP D 94 27.83 -7.59 14.57
CA TRP D 94 28.02 -6.52 13.53
C TRP D 94 28.05 -7.15 12.14
N GLY D 95 28.10 -6.27 11.12
CA GLY D 95 28.08 -6.65 9.70
C GLY D 95 29.46 -6.64 9.08
N ASN D 96 29.62 -6.00 7.92
CA ASN D 96 30.93 -5.84 7.25
C ASN D 96 30.97 -4.51 6.51
N PRO D 97 32.16 -4.01 6.10
CA PRO D 97 32.27 -2.70 5.46
C PRO D 97 31.45 -2.54 4.17
N ASN D 98 31.24 -3.65 3.44
CA ASN D 98 30.47 -3.70 2.17
C ASN D 98 28.96 -3.64 2.43
N ASP D 99 28.51 -4.11 3.61
CA ASP D 99 27.08 -4.16 4.00
C ASP D 99 27.00 -3.96 5.50
N PRO D 100 27.08 -2.69 5.99
CA PRO D 100 27.23 -2.39 7.41
C PRO D 100 25.89 -2.42 8.14
N HIS D 101 25.19 -3.53 8.01
CA HIS D 101 23.83 -3.73 8.56
C HIS D 101 23.84 -5.07 9.29
N GLY D 102 24.35 -5.11 10.53
CA GLY D 102 24.56 -6.40 11.22
C GLY D 102 23.94 -6.50 12.61
N SER D 103 22.88 -5.75 12.93
CA SER D 103 22.02 -6.01 14.12
C SER D 103 21.40 -7.41 13.99
N GLU D 104 21.03 -8.04 15.12
CA GLU D 104 20.34 -9.35 15.17
C GLU D 104 18.81 -9.13 15.06
N HIS D 105 18.25 -8.32 15.94
CA HIS D 105 16.83 -7.88 15.85
C HIS D 105 16.67 -6.89 14.70
N THR D 106 15.57 -6.98 13.99
CA THR D 106 15.20 -5.97 12.96
C THR D 106 13.91 -5.28 13.41
N VAL D 107 13.69 -4.07 12.92
CA VAL D 107 12.44 -3.30 13.17
C VAL D 107 11.79 -3.00 11.80
N SER D 108 10.56 -3.49 11.59
CA SER D 108 9.84 -3.37 10.30
C SER D 108 10.75 -3.79 9.16
N GLY D 109 11.46 -4.92 9.33
CA GLY D 109 12.32 -5.52 8.31
C GLY D 109 13.71 -4.88 8.23
N GLN D 110 14.00 -3.81 9.01
CA GLN D 110 15.20 -2.93 8.85
C GLN D 110 16.31 -3.31 9.83
N HIS D 111 17.49 -3.69 9.32
CA HIS D 111 18.71 -3.98 10.11
C HIS D 111 19.36 -2.66 10.52
N PHE D 112 19.76 -2.55 11.78
CA PHE D 112 20.64 -1.44 12.25
C PHE D 112 22.10 -1.86 12.00
N ALA D 113 23.05 -0.95 12.16
CA ALA D 113 24.47 -1.22 11.84
C ALA D 113 24.99 -2.34 12.74
N ALA D 114 24.63 -2.35 14.02
CA ALA D 114 25.06 -3.40 14.96
C ALA D 114 24.16 -3.46 16.18
N GLU D 115 24.52 -4.28 17.14
CA GLU D 115 23.66 -4.49 18.31
C GLU D 115 24.54 -4.84 19.51
N LEU D 116 24.24 -4.25 20.66
CA LEU D 116 24.89 -4.54 21.95
C LEU D 116 23.94 -5.39 22.77
N HIS D 117 24.44 -6.49 23.33
CA HIS D 117 23.72 -7.33 24.33
C HIS D 117 24.38 -7.25 25.68
N ILE D 118 23.62 -6.92 26.73
CA ILE D 118 24.08 -6.94 28.15
C ILE D 118 23.36 -8.10 28.83
N VAL D 119 24.06 -9.23 29.02
CA VAL D 119 23.50 -10.51 29.52
C VAL D 119 23.48 -10.46 31.05
N HIS D 120 22.34 -10.83 31.64
CA HIS D 120 22.14 -10.92 33.10
C HIS D 120 21.59 -12.31 33.43
N TYR D 121 21.77 -12.77 34.65
CA TYR D 121 21.21 -14.08 35.10
C TYR D 121 20.36 -13.86 36.34
N ASN D 122 19.42 -14.77 36.58
CA ASN D 122 18.46 -14.71 37.70
C ASN D 122 19.22 -15.12 38.95
N SER D 123 19.72 -14.13 39.68
CA SER D 123 20.58 -14.36 40.86
C SER D 123 19.70 -14.70 42.08
N ASP D 124 18.39 -14.40 42.04
CA ASP D 124 17.42 -14.85 43.06
C ASP D 124 17.22 -16.38 43.03
N LEU D 125 17.22 -17.03 41.87
CA LEU D 125 16.97 -18.49 41.77
C LEU D 125 18.27 -19.29 41.64
N TYR D 126 19.34 -18.73 41.07
CA TYR D 126 20.53 -19.52 40.66
C TYR D 126 21.84 -18.93 41.18
N PRO D 127 22.85 -19.80 41.45
CA PRO D 127 24.11 -19.39 42.08
C PRO D 127 25.04 -18.59 41.14
N ASP D 128 24.93 -18.84 39.83
CA ASP D 128 25.85 -18.24 38.85
C ASP D 128 25.20 -18.30 37.47
N ALA D 129 25.76 -17.54 36.52
CA ALA D 129 25.19 -17.43 35.17
C ALA D 129 25.19 -18.79 34.47
N SER D 130 26.22 -19.60 34.68
CA SER D 130 26.38 -20.89 33.98
C SER D 130 25.22 -21.82 34.36
N THR D 131 24.93 -21.96 35.66
CA THR D 131 23.81 -22.79 36.16
C THR D 131 22.49 -22.23 35.62
N ALA D 132 22.32 -20.89 35.61
CA ALA D 132 21.05 -20.21 35.22
C ALA D 132 20.78 -20.45 33.72
N SER D 133 21.86 -20.59 32.94
CA SER D 133 21.88 -20.53 31.44
C SER D 133 20.87 -21.50 30.84
N ASN D 134 20.73 -22.68 31.40
CA ASN D 134 19.84 -23.70 30.79
C ASN D 134 18.74 -24.08 31.77
N LYS D 135 18.26 -23.12 32.56
CA LYS D 135 17.12 -23.35 33.48
C LYS D 135 16.05 -22.28 33.23
N SER D 136 14.84 -22.56 33.71
CA SER D 136 13.67 -21.66 33.62
C SER D 136 13.98 -20.28 34.25
N GLU D 137 13.55 -19.21 33.58
CA GLU D 137 13.68 -17.81 34.05
C GLU D 137 15.16 -17.40 34.14
N GLY D 138 16.04 -18.08 33.40
CA GLY D 138 17.47 -18.11 33.72
C GLY D 138 18.16 -16.80 33.43
N LEU D 139 17.89 -16.23 32.25
CA LEU D 139 18.66 -15.09 31.70
C LEU D 139 17.71 -13.96 31.29
N ALA D 140 18.22 -12.74 31.37
CA ALA D 140 17.60 -11.52 30.84
C ALA D 140 18.64 -10.73 30.06
N VAL D 141 18.37 -10.42 28.80
CA VAL D 141 19.32 -9.68 27.93
C VAL D 141 18.72 -8.32 27.61
N LEU D 142 19.52 -7.26 27.75
CA LEU D 142 19.17 -5.91 27.26
C LEU D 142 19.83 -5.73 25.90
N ALA D 143 19.06 -5.26 24.93
CA ALA D 143 19.50 -5.13 23.53
C ALA D 143 19.42 -3.67 23.14
N VAL D 144 20.54 -3.17 22.64
CA VAL D 144 20.67 -1.78 22.17
C VAL D 144 21.01 -1.86 20.70
N LEU D 145 20.14 -1.26 19.90
CA LEU D 145 20.38 -1.16 18.44
C LEU D 145 21.32 0.01 18.17
N ILE D 146 22.30 -0.23 17.28
CA ILE D 146 23.35 0.79 16.98
C ILE D 146 23.22 1.22 15.51
N GLU D 147 23.22 2.51 15.27
CA GLU D 147 23.26 3.07 13.89
C GLU D 147 24.44 4.03 13.75
N MET D 148 24.84 4.32 12.50
CA MET D 148 25.81 5.37 12.15
C MET D 148 25.27 6.74 12.58
N GLY D 149 26.11 7.56 13.21
CA GLY D 149 25.86 8.97 13.49
C GLY D 149 27.07 9.65 14.14
N SER D 150 26.83 10.38 15.21
CA SER D 150 27.88 11.08 16.00
C SER D 150 28.86 10.08 16.62
N PHE D 151 30.12 10.50 16.77
CA PHE D 151 31.13 9.77 17.56
C PHE D 151 30.59 9.59 18.98
N ASN D 152 30.79 8.39 19.53
CA ASN D 152 30.26 7.99 20.86
C ASN D 152 31.42 7.69 21.79
N PRO D 153 31.74 8.60 22.74
CA PRO D 153 32.88 8.41 23.63
C PRO D 153 32.72 7.22 24.59
N SER D 154 31.49 6.84 24.94
CA SER D 154 31.21 5.68 25.84
C SER D 154 31.55 4.36 25.13
N TYR D 155 31.11 4.18 23.90
CA TYR D 155 31.43 2.97 23.10
C TYR D 155 32.94 2.95 22.82
N ASP D 156 33.59 4.10 22.68
CA ASP D 156 35.07 4.10 22.46
C ASP D 156 35.86 3.66 23.69
N LYS D 157 35.26 3.58 24.88
CA LYS D 157 35.86 2.96 26.10
C LYS D 157 36.03 1.46 25.89
N ILE D 158 35.19 0.87 25.05
CA ILE D 158 35.38 -0.54 24.62
C ILE D 158 36.31 -0.56 23.39
N PHE D 159 35.99 0.22 22.36
CA PHE D 159 36.56 0.06 21.01
C PHE D 159 38.08 0.34 21.01
N SER D 160 38.55 1.21 21.90
CA SER D 160 39.97 1.68 21.92
C SER D 160 40.90 0.54 22.38
N HIS D 161 40.36 -0.60 22.81
CA HIS D 161 41.14 -1.78 23.25
C HIS D 161 41.11 -2.90 22.21
N LEU D 162 40.39 -2.75 21.09
CA LEU D 162 40.12 -3.89 20.18
C LEU D 162 41.46 -4.49 19.72
N GLN D 163 42.46 -3.67 19.42
CA GLN D 163 43.71 -4.15 18.77
C GLN D 163 44.52 -5.04 19.72
N HIS D 164 44.18 -5.08 21.03
CA HIS D 164 44.78 -6.00 22.04
C HIS D 164 44.01 -7.32 22.18
N VAL D 165 42.88 -7.52 21.48
CA VAL D 165 42.12 -8.79 21.57
C VAL D 165 41.81 -9.28 20.16
N LYS D 166 42.73 -9.04 19.22
CA LYS D 166 42.54 -9.26 17.77
C LYS D 166 42.22 -10.73 17.46
N TYR D 167 42.86 -11.68 18.16
CA TYR D 167 42.71 -13.12 17.86
C TYR D 167 42.00 -13.80 19.02
N LYS D 168 41.43 -14.97 18.73
CA LYS D 168 40.68 -15.82 19.68
C LYS D 168 41.60 -16.20 20.84
N GLY D 169 41.07 -16.20 22.06
CA GLY D 169 41.87 -16.52 23.26
C GLY D 169 42.51 -15.29 23.89
N GLN D 170 42.72 -14.21 23.14
CA GLN D 170 43.40 -13.00 23.65
C GLN D 170 42.50 -12.18 24.57
N GLU D 171 43.10 -11.48 25.54
CA GLU D 171 42.38 -10.82 26.67
C GLU D 171 43.11 -9.54 27.06
N ALA D 172 42.38 -8.46 27.33
CA ALA D 172 42.88 -7.15 27.78
C ALA D 172 42.02 -6.71 28.96
N PHE D 173 42.55 -5.93 29.90
CA PHE D 173 41.68 -5.33 30.95
C PHE D 173 41.20 -3.95 30.52
N VAL D 174 39.91 -3.64 30.77
CA VAL D 174 39.30 -2.31 30.53
C VAL D 174 38.99 -1.70 31.90
N PRO D 175 39.41 -0.44 32.19
CA PRO D 175 39.08 0.17 33.47
C PRO D 175 37.56 0.43 33.52
N GLY D 176 36.94 0.28 34.71
CA GLY D 176 35.52 0.58 34.92
C GLY D 176 35.09 1.88 34.27
N PHE D 177 33.93 1.88 33.61
CA PHE D 177 33.17 3.08 33.17
C PHE D 177 31.66 2.88 33.42
N ASN D 178 30.89 3.94 33.22
CA ASN D 178 29.41 3.92 33.39
C ASN D 178 28.76 3.09 32.27
N ILE D 179 28.35 1.84 32.53
CA ILE D 179 27.74 0.99 31.47
C ILE D 179 26.40 1.61 31.02
N GLU D 180 25.79 2.48 31.84
CA GLU D 180 24.47 3.05 31.50
C GLU D 180 24.66 3.97 30.30
N GLU D 181 25.88 4.45 30.07
CA GLU D 181 26.22 5.39 28.96
C GLU D 181 26.04 4.67 27.62
N LEU D 182 26.00 3.34 27.60
CA LEU D 182 25.80 2.56 26.36
C LEU D 182 24.32 2.45 26.00
N LEU D 183 23.41 2.79 26.94
CA LEU D 183 21.96 2.61 26.72
C LEU D 183 21.46 3.85 25.99
N PRO D 184 20.37 3.76 25.18
CA PRO D 184 19.86 4.93 24.47
C PRO D 184 19.11 5.90 25.38
N GLU D 185 18.39 6.82 24.73
CA GLU D 185 17.31 7.71 25.27
C GLU D 185 16.06 6.90 25.66
N ARG D 186 15.28 7.46 26.59
CA ARG D 186 13.95 6.95 26.96
C ARG D 186 13.97 5.41 26.92
N THR D 187 14.83 4.84 27.76
CA THR D 187 14.86 3.38 28.06
C THR D 187 13.47 2.87 28.47
N ALA D 188 12.53 3.74 28.88
CA ALA D 188 11.16 3.33 29.32
C ALA D 188 10.43 2.59 28.17
N GLU D 189 10.72 2.96 26.93
CA GLU D 189 10.08 2.41 25.71
C GLU D 189 10.86 1.20 25.19
N TYR D 190 10.23 0.04 25.21
CA TYR D 190 10.95 -1.19 24.83
C TYR D 190 9.97 -2.25 24.32
N TYR D 191 10.55 -3.21 23.62
CA TYR D 191 9.94 -4.48 23.17
C TYR D 191 10.35 -5.55 24.17
N ARG D 192 9.40 -6.39 24.60
CA ARG D 192 9.65 -7.49 25.55
C ARG D 192 9.07 -8.79 24.97
N TYR D 193 9.85 -9.86 24.99
CA TYR D 193 9.35 -11.21 24.62
C TYR D 193 10.26 -12.28 25.21
N ARG D 194 9.71 -13.49 25.29
CA ARG D 194 10.49 -14.70 25.66
C ARG D 194 11.15 -15.27 24.43
N GLY D 195 12.46 -15.55 24.55
CA GLY D 195 13.31 -16.03 23.47
C GLY D 195 14.43 -16.94 23.96
N SER D 196 15.49 -16.95 23.19
CA SER D 196 16.64 -17.87 23.37
C SER D 196 17.96 -17.10 23.25
N LEU D 197 19.06 -17.77 23.62
CA LEU D 197 20.38 -17.35 23.11
C LEU D 197 20.27 -17.25 21.59
N THR D 198 20.87 -16.23 20.99
CA THR D 198 20.99 -16.12 19.50
C THR D 198 22.23 -16.85 18.99
N THR D 199 23.02 -17.50 19.86
CA THR D 199 24.20 -18.31 19.46
C THR D 199 23.98 -19.69 20.00
N PRO D 200 24.67 -20.73 19.46
CA PRO D 200 24.74 -22.01 20.15
C PRO D 200 25.12 -21.79 21.61
N PRO D 201 24.54 -22.53 22.59
CA PRO D 201 23.63 -23.64 22.33
C PRO D 201 22.12 -23.31 22.15
N CYS D 202 21.78 -22.03 22.02
CA CYS D 202 20.43 -21.54 21.59
C CYS D 202 19.37 -21.83 22.67
N ASN D 203 19.76 -21.95 23.94
CA ASN D 203 18.85 -22.35 25.04
C ASN D 203 17.65 -21.41 25.07
N PRO D 204 16.38 -21.91 25.07
CA PRO D 204 15.19 -21.04 25.10
C PRO D 204 14.87 -20.48 26.51
N THR D 205 15.79 -19.71 27.08
CA THR D 205 15.81 -19.36 28.51
C THR D 205 16.02 -17.88 28.71
N VAL D 206 15.80 -17.04 27.69
CA VAL D 206 16.11 -15.58 27.77
C VAL D 206 14.82 -14.76 27.78
N LEU D 207 14.73 -13.82 28.70
CA LEU D 207 13.73 -12.74 28.61
C LEU D 207 14.41 -11.56 27.93
N TRP D 208 13.94 -11.19 26.73
CA TRP D 208 14.54 -10.13 25.89
C TRP D 208 13.83 -8.80 26.14
N THR D 209 14.63 -7.74 26.33
CA THR D 209 14.18 -6.34 26.32
C THR D 209 14.97 -5.62 25.22
N VAL D 210 14.32 -5.16 24.15
CA VAL D 210 15.00 -4.44 23.03
C VAL D 210 14.58 -2.99 23.16
N PHE D 211 15.48 -2.09 23.49
CA PHE D 211 15.09 -0.67 23.60
C PHE D 211 14.58 -0.23 22.22
N ARG D 212 13.57 0.63 22.25
CA ARG D 212 12.96 1.21 21.06
C ARG D 212 13.95 2.14 20.36
N ASN D 213 14.66 2.97 21.11
CA ASN D 213 15.52 4.04 20.54
C ASN D 213 16.93 3.47 20.34
N PRO D 214 17.57 3.70 19.16
CA PRO D 214 18.94 3.26 18.94
C PRO D 214 19.98 4.23 19.53
N VAL D 215 21.23 3.79 19.64
CA VAL D 215 22.36 4.74 19.92
C VAL D 215 23.13 4.98 18.61
N GLN D 216 24.00 5.97 18.62
CA GLN D 216 24.87 6.27 17.45
C GLN D 216 26.35 6.02 17.79
N ILE D 217 27.09 5.45 16.83
CA ILE D 217 28.60 5.43 16.83
C ILE D 217 29.07 6.03 15.48
N SER D 218 30.28 6.58 15.37
CA SER D 218 30.71 7.21 14.09
C SER D 218 30.96 6.15 13.01
N GLN D 219 31.05 6.57 11.75
CA GLN D 219 31.45 5.67 10.63
C GLN D 219 32.78 5.01 10.98
N GLU D 220 33.71 5.80 11.53
CA GLU D 220 35.10 5.34 11.81
C GLU D 220 35.03 4.34 12.97
N GLN D 221 34.22 4.59 13.99
CA GLN D 221 33.96 3.61 15.09
C GLN D 221 33.42 2.32 14.47
N LEU D 222 32.43 2.41 13.61
CA LEU D 222 31.81 1.16 13.08
C LEU D 222 32.84 0.40 12.23
N LEU D 223 33.59 1.12 11.38
CA LEU D 223 34.58 0.49 10.48
C LEU D 223 35.68 -0.15 11.33
N ALA D 224 36.10 0.49 12.41
CA ALA D 224 37.09 -0.07 13.34
C ALA D 224 36.56 -1.42 13.86
N LEU D 225 35.32 -1.48 14.34
CA LEU D 225 34.74 -2.71 14.97
C LEU D 225 34.68 -3.82 13.91
N GLU D 226 34.39 -3.46 12.66
CA GLU D 226 34.19 -4.45 11.57
C GLU D 226 35.53 -5.02 11.08
N THR D 227 36.63 -4.30 11.31
CA THR D 227 37.96 -4.59 10.70
C THR D 227 38.99 -5.06 11.74
N ALA D 228 38.67 -4.99 13.03
CA ALA D 228 39.63 -5.14 14.16
C ALA D 228 39.93 -6.61 14.45
N LEU D 229 38.98 -7.52 14.30
CA LEU D 229 39.01 -8.81 15.01
C LEU D 229 38.99 -10.00 14.05
N TYR D 230 39.49 -11.11 14.56
CA TYR D 230 39.61 -12.43 13.87
C TYR D 230 38.87 -13.47 14.72
N CYS D 231 38.32 -14.49 14.07
CA CYS D 231 37.63 -15.65 14.69
C CYS D 231 38.64 -16.67 15.20
N THR D 232 39.83 -16.69 14.62
CA THR D 232 40.88 -17.74 14.73
C THR D 232 41.92 -17.35 15.78
N HIS D 233 42.50 -18.37 16.42
CA HIS D 233 43.72 -18.35 17.30
C HIS D 233 44.86 -17.70 16.51
N MET D 234 45.77 -17.01 17.21
CA MET D 234 46.95 -16.29 16.65
C MET D 234 47.87 -17.22 15.84
N ASP D 235 47.74 -18.54 15.99
CA ASP D 235 48.59 -19.52 15.27
C ASP D 235 47.75 -20.32 14.28
N ASP D 236 46.51 -19.92 13.97
CA ASP D 236 45.65 -20.68 13.03
C ASP D 236 46.24 -20.56 11.62
N PRO D 237 46.40 -21.70 10.88
CA PRO D 237 46.90 -21.66 9.50
C PRO D 237 45.94 -20.95 8.52
N SER D 238 44.66 -20.84 8.90
CA SER D 238 43.53 -20.40 8.03
C SER D 238 42.77 -19.25 8.71
N PRO D 239 43.38 -18.02 8.78
CA PRO D 239 42.79 -16.88 9.50
C PRO D 239 41.47 -16.44 8.89
N ARG D 240 40.45 -16.24 9.74
CA ARG D 240 39.08 -15.79 9.36
C ARG D 240 38.77 -14.48 10.12
N GLU D 241 38.53 -13.42 9.35
CA GLU D 241 38.09 -12.09 9.84
C GLU D 241 36.73 -12.23 10.55
N MET D 242 36.55 -11.58 11.71
CA MET D 242 35.29 -11.66 12.51
C MET D 242 34.35 -10.57 11.98
N ILE D 243 33.49 -10.93 11.03
CA ILE D 243 32.50 -10.07 10.33
C ILE D 243 31.17 -10.86 10.27
N ASN D 244 30.03 -10.17 10.16
CA ASN D 244 28.69 -10.76 9.95
C ASN D 244 28.42 -11.82 11.04
N ASN D 245 28.76 -11.49 12.29
CA ASN D 245 28.53 -12.34 13.50
C ASN D 245 27.14 -12.00 14.11
N PHE D 246 26.10 -12.04 13.25
CA PHE D 246 24.65 -11.92 13.60
C PHE D 246 23.88 -13.12 13.02
N ARG D 247 22.89 -13.58 13.77
CA ARG D 247 21.98 -14.65 13.30
C ARG D 247 20.85 -14.02 12.49
N GLN D 248 20.38 -14.66 11.42
CA GLN D 248 19.16 -14.22 10.69
C GLN D 248 17.95 -14.27 11.63
N VAL D 249 16.95 -13.42 11.40
CA VAL D 249 15.68 -13.47 12.20
C VAL D 249 15.00 -14.85 12.01
N GLN D 250 14.33 -15.32 13.07
CA GLN D 250 13.59 -16.59 13.18
C GLN D 250 12.07 -16.36 13.00
N LYS D 251 11.38 -17.43 12.59
CA LYS D 251 9.91 -17.52 12.56
C LYS D 251 9.37 -17.20 13.94
N PHE D 252 8.32 -16.39 13.98
CA PHE D 252 7.63 -16.00 15.23
C PHE D 252 6.13 -16.11 15.00
N ASP D 253 5.54 -17.28 15.26
CA ASP D 253 4.14 -17.61 14.84
C ASP D 253 3.34 -18.03 16.09
N GLU D 254 2.09 -17.56 16.19
CA GLU D 254 1.14 -17.80 17.31
C GLU D 254 1.82 -17.37 18.62
N ARG D 255 2.21 -16.09 18.69
CA ARG D 255 3.15 -15.54 19.72
C ARG D 255 3.18 -14.02 19.62
N LEU D 256 3.40 -13.32 20.74
CA LEU D 256 3.35 -11.84 20.74
C LEU D 256 4.62 -11.27 21.35
N VAL D 257 4.96 -10.07 20.89
CA VAL D 257 5.96 -9.16 21.52
C VAL D 257 5.16 -8.05 22.18
N TYR D 258 5.48 -7.80 23.44
CA TYR D 258 4.78 -6.78 24.26
C TYR D 258 5.59 -5.49 24.21
N THR D 259 4.91 -4.35 24.10
CA THR D 259 5.54 -3.03 24.05
C THR D 259 5.13 -2.28 25.30
N SER D 260 6.05 -1.50 25.83
CA SER D 260 5.80 -0.59 26.98
C SER D 260 5.28 0.75 26.45
N PHE D 261 5.13 0.87 25.12
CA PHE D 261 4.64 2.07 24.39
C PHE D 261 3.50 1.66 23.44
N SER D 262 2.52 2.55 23.27
CA SER D 262 1.24 2.25 22.57
C SER D 262 1.31 2.73 21.10
#